data_4P9D
#
_entry.id   4P9D
#
_cell.length_a   75.900
_cell.length_b   79.020
_cell.length_c   126.520
_cell.angle_alpha   90.00
_cell.angle_beta   90.00
_cell.angle_gamma   90.00
#
_symmetry.space_group_name_H-M   'P 21 21 21'
#
loop_
_entity.id
_entity.type
_entity.pdbx_description
1 polymer 'Deoxycytidylate deaminase'
2 non-polymer 'ZINC ION'
3 non-polymer 'MAGNESIUM ION'
4 non-polymer "THYMIDINE-5'-TRIPHOSPHATE"
5 non-polymer "THYMIDINE-5'-PHOSPHATE"
6 non-polymer 'CHLORIDE ION'
7 water water
#
_entity_poly.entity_id   1
_entity_poly.type   'polypeptide(L)'
_entity_poly.pdbx_seq_one_letter_code
;GSHMKPEIKEAYMKTAELFSQVSNCKRMKVGAIVVKNGSILAHGWNGTPSGFHTNCCELEDGSTNPFVLHAEQNALVKMA
KSSESIDGSELFCTHSPCPDCSKMIAQAGVKKVYYRNEYRITDGIDVLQQLGVEVEKM
;
_entity_poly.pdbx_strand_id   A,B,C,D,E,F
#
loop_
_chem_comp.id
_chem_comp.type
_chem_comp.name
_chem_comp.formula
CL non-polymer 'CHLORIDE ION' 'Cl -1'
MG non-polymer 'MAGNESIUM ION' 'Mg 2'
TMP non-polymer THYMIDINE-5'-PHOSPHATE 'C10 H15 N2 O8 P'
TTP non-polymer THYMIDINE-5'-TRIPHOSPHATE 'C10 H17 N2 O14 P3'
ZN non-polymer 'ZINC ION' 'Zn 2'
#
# COMPACT_ATOMS: atom_id res chain seq x y z
N MET A 4 23.44 9.52 3.37
CA MET A 4 24.32 10.34 4.19
C MET A 4 25.72 9.90 4.05
N LYS A 5 26.02 8.70 4.50
CA LYS A 5 27.37 8.27 4.44
C LYS A 5 27.74 8.73 3.10
N PRO A 6 28.93 9.24 2.99
CA PRO A 6 29.54 9.82 1.79
C PRO A 6 29.51 8.94 0.53
N GLU A 7 29.90 7.67 0.62
CA GLU A 7 30.00 6.85 -0.59
C GLU A 7 28.64 6.35 -1.06
N ILE A 8 27.65 6.37 -0.17
CA ILE A 8 26.28 6.04 -0.57
C ILE A 8 25.67 7.22 -1.30
N LYS A 9 26.05 8.43 -0.86
CA LYS A 9 25.61 9.66 -1.50
C LYS A 9 26.07 9.73 -2.95
N GLU A 10 27.32 9.37 -3.18
CA GLU A 10 27.91 9.40 -4.52
C GLU A 10 27.25 8.36 -5.42
N ALA A 11 26.86 7.23 -4.83
CA ALA A 11 26.21 6.16 -5.57
C ALA A 11 24.89 6.63 -6.16
N TYR A 12 24.10 7.34 -5.36
CA TYR A 12 22.82 7.89 -5.81
C TYR A 12 23.00 8.93 -6.91
N MET A 13 24.00 9.78 -6.76
CA MET A 13 24.21 10.89 -7.68
C MET A 13 24.72 10.43 -9.04
N LYS A 14 25.59 9.43 -9.03
CA LYS A 14 26.09 8.90 -10.29
C LYS A 14 25.05 7.97 -10.92
N THR A 15 24.10 7.51 -10.13
CA THR A 15 22.95 6.80 -10.66
C THR A 15 22.09 7.77 -11.47
N ALA A 16 22.06 9.03 -11.01
CA ALA A 16 21.36 10.09 -11.72
C ALA A 16 22.05 10.38 -13.04
N GLU A 17 23.37 10.46 -13.01
CA GLU A 17 24.16 10.67 -14.22
C GLU A 17 24.02 9.47 -15.16
N LEU A 18 23.85 8.29 -14.56
CA LEU A 18 23.71 7.06 -15.32
C LEU A 18 22.40 7.03 -16.10
N PHE A 19 21.33 7.49 -15.47
CA PHE A 19 20.01 7.50 -16.10
C PHE A 19 19.78 8.75 -16.93
N SER A 20 20.63 9.76 -16.75
CA SER A 20 20.59 10.93 -17.62
C SER A 20 21.11 10.54 -18.99
N GLN A 21 21.94 9.49 -19.03
CA GLN A 21 22.58 9.05 -20.25
C GLN A 21 21.67 8.21 -21.14
N VAL A 22 20.57 7.71 -20.58
CA VAL A 22 19.64 6.92 -21.37
C VAL A 22 18.61 7.82 -22.05
N SER A 23 18.65 9.11 -21.72
CA SER A 23 17.82 10.10 -22.37
C SER A 23 18.28 10.27 -23.82
N ASN A 24 17.35 10.62 -24.70
CA ASN A 24 17.64 10.76 -26.12
C ASN A 24 17.94 12.19 -26.54
N CYS A 25 17.52 13.15 -25.72
CA CYS A 25 17.72 14.57 -25.99
CA CYS A 25 17.73 14.57 -26.01
C CYS A 25 19.21 14.90 -26.13
N LYS A 26 19.53 15.77 -27.09
CA LYS A 26 20.90 16.15 -27.43
C LYS A 26 21.26 17.50 -26.84
N ARG A 27 20.25 18.35 -26.69
CA ARG A 27 20.43 19.68 -26.10
C ARG A 27 21.02 19.57 -24.71
N MET A 28 20.40 18.71 -23.89
CA MET A 28 20.82 18.53 -22.51
C MET A 28 20.22 17.24 -21.95
N LYS A 29 21.05 16.43 -21.29
CA LYS A 29 20.58 15.19 -20.70
C LYS A 29 20.54 15.29 -19.18
N VAL A 30 19.33 15.26 -18.63
CA VAL A 30 19.13 15.39 -17.19
C VAL A 30 18.57 14.12 -16.58
N GLY A 31 19.03 13.79 -15.37
CA GLY A 31 18.52 12.64 -14.64
C GLY A 31 18.12 13.04 -13.23
N ALA A 32 17.08 12.41 -12.71
CA ALA A 32 16.56 12.77 -11.39
C ALA A 32 16.01 11.55 -10.63
N ILE A 33 16.68 11.19 -9.54
CA ILE A 33 16.28 10.07 -8.70
C ILE A 33 15.72 10.52 -7.35
N VAL A 34 14.58 9.94 -6.98
CA VAL A 34 13.99 10.17 -5.67
C VAL A 34 14.47 9.10 -4.69
N VAL A 35 14.94 9.53 -3.52
CA VAL A 35 15.42 8.61 -2.50
C VAL A 35 14.72 8.87 -1.16
N LYS A 36 14.32 7.79 -0.49
CA LYS A 36 13.71 7.89 0.83
C LYS A 36 13.91 6.60 1.61
N ASN A 37 14.40 6.72 2.84
CA ASN A 37 14.74 5.59 3.68
C ASN A 37 15.71 4.63 3.00
N GLY A 38 16.67 5.20 2.28
CA GLY A 38 17.68 4.42 1.60
C GLY A 38 17.13 3.57 0.46
N SER A 39 16.15 4.11 -0.26
CA SER A 39 15.53 3.39 -1.35
C SER A 39 15.21 4.30 -2.54
N ILE A 40 15.58 3.86 -3.74
CA ILE A 40 15.26 4.59 -4.95
C ILE A 40 13.81 4.32 -5.34
N LEU A 41 12.93 5.28 -5.07
CA LEU A 41 11.51 5.11 -5.33
C LEU A 41 11.12 5.56 -6.73
N ALA A 42 11.98 6.37 -7.35
CA ALA A 42 11.73 6.85 -8.70
C ALA A 42 13.03 7.32 -9.36
N HIS A 43 13.15 7.06 -10.64
CA HIS A 43 14.23 7.60 -11.40
C HIS A 43 13.70 8.10 -12.70
N GLY A 44 13.88 9.36 -12.94
CA GLY A 44 13.39 9.99 -14.15
C GLY A 44 14.44 10.72 -14.96
N TRP A 45 14.20 10.85 -16.25
CA TRP A 45 15.04 11.65 -17.13
C TRP A 45 14.16 12.38 -18.13
N ASN A 46 14.75 13.30 -18.88
CA ASN A 46 13.99 14.10 -19.83
C ASN A 46 13.71 13.37 -21.13
N GLY A 47 12.52 13.60 -21.68
CA GLY A 47 12.14 12.98 -22.94
C GLY A 47 10.67 13.17 -23.23
N THR A 48 10.21 12.60 -24.35
CA THR A 48 8.81 12.68 -24.75
C THR A 48 7.94 11.81 -23.85
N PRO A 49 6.63 12.09 -23.80
CA PRO A 49 5.72 11.24 -23.01
C PRO A 49 5.75 9.77 -23.46
N SER A 50 5.23 8.89 -22.61
CA SER A 50 5.20 7.46 -22.93
C SER A 50 4.33 7.19 -24.15
N GLY A 51 4.86 6.42 -25.10
CA GLY A 51 4.13 6.05 -26.29
C GLY A 51 4.09 7.14 -27.34
N PHE A 52 4.84 8.21 -27.13
CA PHE A 52 4.93 9.29 -28.09
C PHE A 52 5.57 8.76 -29.36
N HIS A 53 5.18 9.32 -30.51
CA HIS A 53 5.58 8.80 -31.82
C HIS A 53 7.09 8.74 -32.01
N THR A 54 7.81 9.73 -31.47
CA THR A 54 9.26 9.72 -31.54
C THR A 54 9.86 9.87 -30.15
N ASN A 55 11.03 9.28 -29.95
CA ASN A 55 11.76 9.43 -28.70
C ASN A 55 12.79 10.54 -28.82
N CYS A 56 12.89 11.12 -30.01
CA CYS A 56 13.73 12.29 -30.24
C CYS A 56 13.08 13.50 -29.57
N CYS A 57 13.88 14.30 -28.88
CA CYS A 57 13.35 15.43 -28.12
C CYS A 57 13.46 16.76 -28.86
N GLU A 58 14.18 16.77 -29.97
CA GLU A 58 14.44 18.02 -30.68
C GLU A 58 13.54 18.23 -31.89
N LEU A 59 13.23 19.49 -32.17
CA LEU A 59 12.48 19.87 -33.36
C LEU A 59 13.40 19.83 -34.58
N GLU A 60 12.84 20.09 -35.75
CA GLU A 60 13.65 20.17 -36.96
C GLU A 60 14.34 21.52 -37.09
N ASP A 61 15.00 21.94 -36.01
CA ASP A 61 15.81 23.15 -35.97
C ASP A 61 16.57 23.21 -34.64
N GLY A 62 16.68 22.08 -33.97
CA GLY A 62 17.49 21.96 -32.77
C GLY A 62 16.82 22.41 -31.48
N SER A 63 15.58 22.91 -31.59
CA SER A 63 14.86 23.40 -30.42
C SER A 63 14.19 22.26 -29.67
N THR A 64 13.70 22.55 -28.47
CA THR A 64 13.07 21.54 -27.64
C THR A 64 11.56 21.47 -27.88
N ASN A 65 11.09 20.28 -28.23
CA ASN A 65 9.67 20.00 -28.36
C ASN A 65 8.97 20.34 -27.06
N PRO A 66 7.96 21.24 -27.12
CA PRO A 66 7.22 21.63 -25.91
C PRO A 66 6.47 20.47 -25.25
N PHE A 67 6.53 19.29 -25.88
CA PHE A 67 5.88 18.10 -25.34
C PHE A 67 6.77 17.33 -24.37
N VAL A 68 8.08 17.59 -24.41
CA VAL A 68 9.01 16.83 -23.58
C VAL A 68 8.80 17.11 -22.10
N LEU A 69 9.18 16.15 -21.27
CA LEU A 69 9.07 16.27 -19.83
C LEU A 69 10.44 16.51 -19.23
N HIS A 70 10.50 17.33 -18.19
CA HIS A 70 11.75 17.49 -17.45
C HIS A 70 12.00 16.22 -16.64
N ALA A 71 13.27 15.97 -16.33
CA ALA A 71 13.65 14.81 -15.53
C ALA A 71 12.94 14.84 -14.18
N GLU A 72 12.81 16.04 -13.63
CA GLU A 72 12.16 16.25 -12.35
C GLU A 72 10.66 16.02 -12.47
N GLN A 73 10.10 16.34 -13.63
CA GLN A 73 8.67 16.14 -13.89
C GLN A 73 8.34 14.66 -13.94
N ASN A 74 9.14 13.90 -14.68
CA ASN A 74 8.95 12.45 -14.78
C ASN A 74 9.16 11.77 -13.43
N ALA A 75 10.10 12.29 -12.65
CA ALA A 75 10.37 11.76 -11.32
C ALA A 75 9.17 11.95 -10.40
N LEU A 76 8.46 13.05 -10.59
CA LEU A 76 7.29 13.36 -9.78
C LEU A 76 6.08 12.55 -10.23
N VAL A 77 5.87 12.52 -11.54
CA VAL A 77 4.77 11.77 -12.14
C VAL A 77 4.89 10.28 -11.82
N LYS A 78 6.12 9.78 -11.85
CA LYS A 78 6.40 8.39 -11.49
C LYS A 78 6.02 8.14 -10.03
N MET A 79 6.29 9.12 -9.19
CA MET A 79 5.94 9.03 -7.77
C MET A 79 4.42 8.99 -7.58
N ALA A 80 3.71 9.64 -8.49
CA ALA A 80 2.25 9.66 -8.44
C ALA A 80 1.70 8.27 -8.77
N LYS A 81 2.27 7.64 -9.79
CA LYS A 81 1.89 6.30 -10.18
C LYS A 81 2.39 5.28 -9.16
N SER A 82 3.42 5.66 -8.41
CA SER A 82 4.01 4.78 -7.41
C SER A 82 3.04 4.51 -6.27
N SER A 83 3.34 3.51 -5.46
CA SER A 83 2.46 3.41 -4.31
C SER A 83 3.24 3.70 -3.03
N GLU A 84 4.10 4.70 -3.21
CA GLU A 84 4.78 5.27 -2.05
C GLU A 84 4.83 6.79 -2.09
N SER A 85 5.06 7.39 -0.93
CA SER A 85 4.99 8.82 -0.76
C SER A 85 6.35 9.49 -0.99
N ILE A 86 6.34 10.54 -1.82
CA ILE A 86 7.56 11.30 -2.06
C ILE A 86 7.76 12.29 -0.91
N ASP A 87 6.72 12.48 -0.10
CA ASP A 87 6.80 13.33 1.07
C ASP A 87 7.86 12.84 2.04
N GLY A 88 8.80 13.72 2.40
CA GLY A 88 9.87 13.36 3.29
C GLY A 88 10.95 12.55 2.60
N SER A 89 11.29 12.95 1.39
CA SER A 89 12.32 12.26 0.61
C SER A 89 13.36 13.23 0.08
N GLU A 90 14.44 12.69 -0.48
CA GLU A 90 15.56 13.45 -1.04
C GLU A 90 15.65 13.21 -2.55
N LEU A 91 16.03 14.24 -3.30
CA LEU A 91 16.07 14.15 -4.76
C LEU A 91 17.47 14.41 -5.30
N PHE A 92 17.92 13.53 -6.19
CA PHE A 92 19.25 13.66 -6.80
C PHE A 92 19.14 14.02 -8.27
N CYS A 93 19.44 15.27 -8.61
CA CYS A 93 19.40 15.72 -10.00
C CYS A 93 20.81 15.88 -10.56
N THR A 94 20.96 15.68 -11.86
CA THR A 94 22.23 15.93 -12.53
C THR A 94 22.39 17.44 -12.70
N HIS A 95 21.27 18.11 -12.91
CA HIS A 95 21.27 19.56 -13.08
C HIS A 95 20.23 20.20 -12.15
N SER A 96 20.50 21.43 -11.72
CA SER A 96 19.57 22.16 -10.87
C SER A 96 18.23 22.36 -11.59
N PRO A 97 17.12 22.08 -10.90
CA PRO A 97 15.78 22.08 -11.49
C PRO A 97 15.26 23.49 -11.81
N CYS A 98 14.31 23.56 -12.74
CA CYS A 98 13.70 24.81 -13.15
C CYS A 98 12.69 25.28 -12.10
N PRO A 99 12.27 26.56 -12.15
CA PRO A 99 11.31 27.08 -11.17
C PRO A 99 9.99 26.31 -11.08
N ASP A 100 9.44 25.87 -12.21
CA ASP A 100 8.15 25.18 -12.22
C ASP A 100 8.22 23.86 -11.47
N CYS A 101 9.21 23.05 -11.79
CA CYS A 101 9.42 21.79 -11.09
C CYS A 101 9.74 22.05 -9.62
N SER A 102 10.47 23.13 -9.37
CA SER A 102 10.87 23.52 -8.02
C SER A 102 9.65 23.85 -7.15
N LYS A 103 8.63 24.43 -7.77
CA LYS A 103 7.38 24.70 -7.07
C LYS A 103 6.77 23.40 -6.56
N MET A 104 6.68 22.42 -7.45
CA MET A 104 6.03 21.15 -7.16
C MET A 104 6.88 20.27 -6.25
N ILE A 105 8.20 20.42 -6.35
CA ILE A 105 9.12 19.66 -5.51
C ILE A 105 8.94 20.03 -4.04
N ALA A 106 8.83 21.34 -3.78
CA ALA A 106 8.61 21.83 -2.42
C ALA A 106 7.25 21.41 -1.89
N GLN A 107 6.23 21.55 -2.73
CA GLN A 107 4.86 21.18 -2.37
C GLN A 107 4.76 19.68 -2.08
N ALA A 108 5.67 18.90 -2.66
CA ALA A 108 5.68 17.46 -2.51
C ALA A 108 6.17 17.05 -1.12
N GLY A 109 7.02 17.87 -0.52
CA GLY A 109 7.55 17.58 0.80
C GLY A 109 8.96 17.04 0.73
N VAL A 110 9.64 17.30 -0.38
CA VAL A 110 11.02 16.88 -0.55
C VAL A 110 11.94 17.63 0.42
N LYS A 111 12.65 16.87 1.24
CA LYS A 111 13.55 17.44 2.24
C LYS A 111 14.69 18.23 1.62
N LYS A 112 15.41 17.60 0.70
CA LYS A 112 16.66 18.15 0.20
C LYS A 112 16.90 17.78 -1.26
N VAL A 113 17.50 18.70 -2.01
CA VAL A 113 17.85 18.43 -3.40
C VAL A 113 19.35 18.41 -3.60
N TYR A 114 19.86 17.29 -4.08
CA TYR A 114 21.26 17.17 -4.45
C TYR A 114 21.40 17.38 -5.96
N TYR A 115 22.31 18.26 -6.36
CA TYR A 115 22.55 18.49 -7.78
C TYR A 115 24.03 18.63 -8.09
N ARG A 116 24.43 18.16 -9.26
CA ARG A 116 25.82 18.24 -9.69
C ARG A 116 26.07 19.49 -10.52
N ASN A 117 25.55 19.50 -11.73
CA ASN A 117 25.67 20.66 -12.61
C ASN A 117 24.75 21.79 -12.19
N GLU A 118 25.24 23.02 -12.27
CA GLU A 118 24.40 24.17 -11.97
C GLU A 118 23.98 24.81 -13.29
N TYR A 119 22.68 24.75 -13.56
CA TYR A 119 22.11 25.19 -14.83
C TYR A 119 22.40 26.66 -15.14
N ARG A 120 22.26 27.03 -16.42
CA ARG A 120 22.33 28.41 -16.88
C ARG A 120 21.62 29.34 -15.93
N ILE A 121 20.29 29.31 -16.00
CA ILE A 121 19.43 30.02 -15.07
C ILE A 121 19.43 29.29 -13.74
N THR A 122 19.62 30.04 -12.66
CA THR A 122 19.69 29.45 -11.33
C THR A 122 18.51 29.86 -10.46
N ASP A 123 17.44 30.33 -11.09
CA ASP A 123 16.34 30.77 -10.23
C ASP A 123 15.52 29.60 -9.70
N GLY A 124 15.82 28.39 -10.15
CA GLY A 124 15.21 27.20 -9.59
C GLY A 124 15.66 26.95 -8.16
N ILE A 125 16.96 27.09 -7.94
CA ILE A 125 17.52 26.93 -6.59
C ILE A 125 16.96 28.01 -5.67
N ASP A 126 16.80 29.22 -6.21
CA ASP A 126 16.16 30.31 -5.48
C ASP A 126 14.81 29.85 -4.97
N VAL A 127 13.93 29.47 -5.89
CA VAL A 127 12.59 29.00 -5.57
C VAL A 127 12.61 27.86 -4.55
N LEU A 128 13.51 26.90 -4.74
CA LEU A 128 13.64 25.77 -3.82
C LEU A 128 13.97 26.22 -2.40
N GLN A 129 14.87 27.19 -2.29
CA GLN A 129 15.34 27.64 -0.99
C GLN A 129 14.28 28.44 -0.22
N GLN A 130 13.58 29.32 -0.93
CA GLN A 130 12.54 30.13 -0.33
C GLN A 130 11.41 29.29 0.25
N LEU A 131 11.16 28.15 -0.36
CA LEU A 131 10.07 27.28 0.04
C LEU A 131 10.49 26.23 1.06
N GLY A 132 11.65 26.44 1.69
CA GLY A 132 12.10 25.59 2.77
C GLY A 132 12.67 24.25 2.34
N VAL A 133 13.23 24.20 1.14
CA VAL A 133 13.91 23.00 0.68
C VAL A 133 15.42 23.20 0.71
N GLU A 134 16.10 22.41 1.54
CA GLU A 134 17.55 22.49 1.60
C GLU A 134 18.17 21.98 0.31
N VAL A 135 19.36 22.48 0.00
CA VAL A 135 19.99 22.26 -1.30
C VAL A 135 21.47 21.93 -1.13
N GLU A 136 22.01 21.09 -1.99
CA GLU A 136 23.43 20.76 -1.92
C GLU A 136 24.05 20.46 -3.29
N LYS A 137 25.17 21.14 -3.57
CA LYS A 137 25.93 20.86 -4.78
C LYS A 137 27.05 19.87 -4.46
N MET A 138 27.20 18.85 -5.31
CA MET A 138 28.20 17.82 -5.09
C MET A 138 28.82 17.31 -6.39
N MET B 4 13.28 -6.11 -23.44
CA MET B 4 13.60 -4.83 -22.81
C MET B 4 14.74 -4.13 -23.53
N LYS B 5 14.68 -2.80 -23.59
CA LYS B 5 15.62 -1.99 -24.34
C LYS B 5 17.07 -2.17 -23.89
N PRO B 6 18.02 -2.08 -24.82
CA PRO B 6 19.45 -2.28 -24.55
C PRO B 6 20.08 -1.15 -23.73
N GLU B 7 19.79 0.10 -24.06
CA GLU B 7 20.32 1.27 -23.37
C GLU B 7 19.93 1.31 -21.90
N ILE B 8 18.73 0.79 -21.61
CA ILE B 8 18.19 0.84 -20.26
C ILE B 8 18.58 -0.41 -19.48
N LYS B 9 18.83 -1.51 -20.19
CA LYS B 9 19.25 -2.75 -19.56
C LYS B 9 20.66 -2.61 -19.01
N GLU B 10 21.50 -1.91 -19.76
CA GLU B 10 22.87 -1.65 -19.36
C GLU B 10 22.90 -0.68 -18.18
N ALA B 11 21.97 0.27 -18.19
CA ALA B 11 21.86 1.25 -17.11
C ALA B 11 21.50 0.56 -15.79
N TYR B 12 20.69 -0.49 -15.88
CA TYR B 12 20.32 -1.27 -14.70
C TYR B 12 21.52 -2.04 -14.16
N MET B 13 22.32 -2.58 -15.08
CA MET B 13 23.50 -3.38 -14.71
C MET B 13 24.57 -2.50 -14.06
N LYS B 14 24.84 -1.36 -14.67
CA LYS B 14 25.82 -0.42 -14.13
C LYS B 14 25.37 0.11 -12.78
N THR B 15 24.05 0.18 -12.60
CA THR B 15 23.47 0.62 -11.33
C THR B 15 23.81 -0.39 -10.23
N ALA B 16 23.82 -1.66 -10.60
CA ALA B 16 24.19 -2.73 -9.69
C ALA B 16 25.66 -2.62 -9.29
N GLU B 17 26.46 -2.11 -10.21
CA GLU B 17 27.89 -1.96 -9.98
C GLU B 17 28.21 -0.75 -9.12
N LEU B 18 27.44 0.32 -9.29
CA LEU B 18 27.59 1.49 -8.44
C LEU B 18 27.33 1.13 -6.99
N PHE B 19 26.34 0.26 -6.77
CA PHE B 19 25.95 -0.14 -5.43
C PHE B 19 26.81 -1.28 -4.90
N SER B 20 27.56 -1.93 -5.78
CA SER B 20 28.53 -2.92 -5.35
C SER B 20 29.73 -2.19 -4.78
N GLN B 21 29.92 -0.96 -5.22
CA GLN B 21 31.10 -0.18 -4.85
C GLN B 21 30.95 0.50 -3.48
N VAL B 22 29.77 0.39 -2.87
CA VAL B 22 29.57 0.97 -1.55
C VAL B 22 29.71 -0.10 -0.47
N SER B 23 30.03 -1.31 -0.90
CA SER B 23 30.28 -2.41 0.02
C SER B 23 31.61 -2.21 0.73
N ASN B 24 31.63 -2.42 2.04
CA ASN B 24 32.83 -2.25 2.84
C ASN B 24 33.70 -3.51 2.85
N CYS B 25 33.34 -4.47 2.02
N CYS B 25 33.33 -4.49 2.05
CA CYS B 25 34.08 -5.73 1.92
CA CYS B 25 34.09 -5.72 1.95
C CYS B 25 35.24 -5.60 0.95
C CYS B 25 35.24 -5.57 0.97
N LYS B 26 36.43 -5.99 1.40
CA LYS B 26 37.62 -5.90 0.55
C LYS B 26 37.92 -7.25 -0.12
N ARG B 27 37.15 -8.26 0.26
CA ARG B 27 37.29 -9.59 -0.32
C ARG B 27 36.63 -9.66 -1.69
N MET B 28 35.50 -9.00 -1.80
CA MET B 28 34.71 -8.97 -3.03
C MET B 28 33.59 -7.96 -2.87
N LYS B 29 33.15 -7.36 -3.98
CA LYS B 29 32.09 -6.36 -3.91
C LYS B 29 30.94 -6.67 -4.86
N VAL B 30 29.82 -7.10 -4.30
CA VAL B 30 28.67 -7.56 -5.06
C VAL B 30 27.46 -6.63 -4.88
N GLY B 31 26.62 -6.55 -5.92
CA GLY B 31 25.43 -5.73 -5.87
C GLY B 31 24.27 -6.38 -6.61
N ALA B 32 23.05 -6.10 -6.16
CA ALA B 32 21.85 -6.69 -6.76
C ALA B 32 20.72 -5.68 -6.90
N ILE B 33 20.10 -5.65 -8.07
CA ILE B 33 19.01 -4.71 -8.36
C ILE B 33 17.73 -5.43 -8.76
N VAL B 34 16.62 -5.07 -8.12
CA VAL B 34 15.31 -5.59 -8.52
C VAL B 34 14.59 -4.58 -9.41
N VAL B 35 14.26 -5.00 -10.62
CA VAL B 35 13.58 -4.12 -11.58
C VAL B 35 12.25 -4.71 -12.03
N LYS B 36 11.19 -3.91 -11.95
CA LYS B 36 9.85 -4.36 -12.33
C LYS B 36 9.01 -3.19 -12.81
N ASN B 37 8.28 -3.41 -13.90
CA ASN B 37 7.50 -2.40 -14.61
C ASN B 37 8.34 -1.14 -14.87
N GLY B 38 9.60 -1.38 -15.21
CA GLY B 38 10.51 -0.31 -15.59
C GLY B 38 10.99 0.53 -14.42
N SER B 39 10.97 -0.06 -13.22
CA SER B 39 11.36 0.67 -12.01
C SER B 39 12.24 -0.16 -11.08
N ILE B 40 13.25 0.48 -10.53
CA ILE B 40 14.12 -0.14 -9.54
C ILE B 40 13.43 -0.17 -8.19
N LEU B 41 13.15 -1.36 -7.69
CA LEU B 41 12.42 -1.52 -6.43
C LEU B 41 13.34 -1.73 -5.24
N ALA B 42 14.43 -2.45 -5.47
CA ALA B 42 15.39 -2.74 -4.40
C ALA B 42 16.82 -2.69 -4.90
N HIS B 43 17.73 -2.31 -4.02
CA HIS B 43 19.14 -2.35 -4.29
C HIS B 43 19.87 -2.84 -3.11
N GLY B 44 20.54 -3.95 -3.21
CA GLY B 44 21.30 -4.51 -2.11
C GLY B 44 22.76 -4.80 -2.45
N TRP B 45 23.60 -4.81 -1.42
CA TRP B 45 25.00 -5.17 -1.57
C TRP B 45 25.44 -6.01 -0.38
N ASN B 46 26.60 -6.64 -0.49
CA ASN B 46 27.12 -7.49 0.58
C ASN B 46 27.65 -6.68 1.75
N GLY B 47 27.30 -7.10 2.96
CA GLY B 47 27.75 -6.43 4.16
C GLY B 47 27.11 -6.98 5.42
N THR B 48 27.57 -6.50 6.57
CA THR B 48 27.03 -6.89 7.87
C THR B 48 25.61 -6.34 8.04
N PRO B 49 24.83 -6.92 8.96
CA PRO B 49 23.46 -6.40 9.17
C PRO B 49 23.42 -4.95 9.62
N SER B 50 22.22 -4.36 9.63
CA SER B 50 22.04 -2.98 10.05
C SER B 50 22.23 -2.83 11.56
N GLY B 51 22.92 -1.76 11.95
CA GLY B 51 23.15 -1.50 13.36
C GLY B 51 24.19 -2.42 13.97
N PHE B 52 24.76 -3.29 13.15
CA PHE B 52 25.81 -4.20 13.59
C PHE B 52 27.01 -3.37 14.05
N HIS B 53 27.69 -3.84 15.09
CA HIS B 53 28.76 -3.08 15.72
C HIS B 53 29.86 -2.64 14.75
N THR B 54 30.09 -3.45 13.72
CA THR B 54 31.07 -3.10 12.71
C THR B 54 30.47 -3.16 11.31
N ASN B 55 31.08 -2.43 10.39
CA ASN B 55 30.68 -2.47 8.98
C ASN B 55 31.70 -3.26 8.17
N CYS B 56 32.78 -3.68 8.83
CA CYS B 56 33.81 -4.49 8.18
C CYS B 56 33.28 -5.90 7.94
N CYS B 57 33.43 -6.38 6.72
CA CYS B 57 32.85 -7.66 6.31
C CYS B 57 33.76 -8.84 6.61
N GLU B 58 35.04 -8.57 6.81
CA GLU B 58 36.02 -9.65 6.98
C GLU B 58 36.46 -9.81 8.42
N LEU B 59 37.02 -10.99 8.72
CA LEU B 59 37.64 -11.25 10.02
C LEU B 59 39.11 -10.84 9.96
N GLU B 60 39.84 -11.06 11.05
CA GLU B 60 41.28 -10.79 11.06
C GLU B 60 42.01 -11.94 10.38
N ASP B 61 41.32 -13.08 10.35
CA ASP B 61 41.91 -14.21 9.67
C ASP B 61 41.91 -13.82 8.18
N GLY B 62 40.92 -13.08 7.72
CA GLY B 62 40.89 -12.54 6.38
C GLY B 62 39.67 -13.13 5.69
N SER B 63 39.19 -14.22 6.28
CA SER B 63 37.99 -14.89 5.81
C SER B 63 36.78 -14.01 6.05
N THR B 64 35.63 -14.47 5.57
CA THR B 64 34.41 -13.67 5.65
C THR B 64 33.64 -13.92 6.94
N ASN B 65 33.13 -12.84 7.52
CA ASN B 65 32.28 -12.90 8.71
C ASN B 65 30.93 -13.50 8.33
N PRO B 66 30.52 -14.56 9.04
CA PRO B 66 29.26 -15.26 8.74
C PRO B 66 28.00 -14.41 8.94
N PHE B 67 28.15 -13.25 9.58
CA PHE B 67 27.03 -12.34 9.77
C PHE B 67 26.77 -11.52 8.50
N VAL B 68 27.72 -11.55 7.58
CA VAL B 68 27.60 -10.80 6.33
C VAL B 68 26.54 -11.42 5.43
N LEU B 69 25.61 -10.58 4.98
CA LEU B 69 24.60 -11.01 4.03
C LEU B 69 25.10 -10.84 2.61
N HIS B 70 24.76 -11.78 1.73
CA HIS B 70 25.04 -11.62 0.31
C HIS B 70 24.23 -10.46 -0.24
N ALA B 71 24.64 -9.94 -1.39
CA ALA B 71 23.92 -8.84 -2.03
C ALA B 71 22.49 -9.24 -2.39
N GLU B 72 22.28 -10.55 -2.52
CA GLU B 72 20.99 -11.09 -2.94
C GLU B 72 20.02 -11.26 -1.76
N GLN B 73 20.55 -11.61 -0.60
CA GLN B 73 19.74 -11.70 0.62
C GLN B 73 19.24 -10.31 1.01
N ASN B 74 20.09 -9.31 0.81
CA ASN B 74 19.76 -7.93 1.10
C ASN B 74 18.70 -7.38 0.16
N ALA B 75 18.79 -7.72 -1.12
CA ALA B 75 17.80 -7.30 -2.09
C ALA B 75 16.47 -8.00 -1.84
N LEU B 76 16.55 -9.24 -1.35
CA LEU B 76 15.37 -10.03 -1.05
C LEU B 76 14.66 -9.51 0.20
N VAL B 77 15.44 -9.29 1.25
CA VAL B 77 14.92 -8.81 2.52
C VAL B 77 14.31 -7.42 2.39
N LYS B 78 14.98 -6.54 1.67
CA LYS B 78 14.51 -5.19 1.38
C LYS B 78 13.18 -5.22 0.64
N MET B 79 12.95 -6.33 -0.05
CA MET B 79 11.71 -6.52 -0.78
C MET B 79 10.61 -6.99 0.15
N ALA B 80 10.99 -7.75 1.17
CA ALA B 80 10.07 -8.13 2.23
C ALA B 80 9.72 -6.89 3.05
N LYS B 81 10.72 -6.04 3.26
CA LYS B 81 10.52 -4.76 3.92
C LYS B 81 9.71 -3.81 3.06
N SER B 82 9.81 -4.00 1.74
CA SER B 82 9.10 -3.14 0.79
C SER B 82 7.59 -3.32 0.85
N SER B 83 6.87 -2.50 0.10
CA SER B 83 5.43 -2.63 0.00
C SER B 83 5.04 -2.94 -1.44
N GLU B 84 6.03 -3.35 -2.23
CA GLU B 84 5.80 -3.81 -3.59
C GLU B 84 6.12 -5.29 -3.70
N SER B 85 5.77 -5.91 -4.83
CA SER B 85 5.95 -7.34 -4.99
C SER B 85 7.13 -7.69 -5.89
N ILE B 86 7.88 -8.70 -5.50
CA ILE B 86 9.08 -9.12 -6.23
C ILE B 86 8.73 -10.12 -7.34
N ASP B 87 7.54 -10.71 -7.26
CA ASP B 87 7.14 -11.74 -8.22
C ASP B 87 6.85 -11.14 -9.59
N GLY B 88 7.54 -11.66 -10.60
CA GLY B 88 7.36 -11.19 -11.97
C GLY B 88 8.44 -10.20 -12.38
N SER B 89 9.37 -9.94 -11.46
CA SER B 89 10.43 -8.96 -11.70
C SER B 89 11.71 -9.59 -12.21
N GLU B 90 12.65 -8.75 -12.61
CA GLU B 90 13.96 -9.20 -13.05
C GLU B 90 15.03 -8.76 -12.07
N LEU B 91 16.05 -9.60 -11.89
CA LEU B 91 17.11 -9.29 -10.94
C LEU B 91 18.45 -9.04 -11.64
N PHE B 92 18.98 -7.84 -11.47
CA PHE B 92 20.29 -7.50 -12.03
C PHE B 92 21.39 -7.69 -10.99
N CYS B 93 22.35 -8.54 -11.31
CA CYS B 93 23.44 -8.86 -10.38
C CYS B 93 24.80 -8.57 -10.98
N THR B 94 25.72 -8.10 -10.16
CA THR B 94 27.10 -7.93 -10.58
C THR B 94 27.75 -9.29 -10.75
N HIS B 95 27.40 -10.21 -9.86
CA HIS B 95 27.90 -11.57 -9.91
C HIS B 95 26.76 -12.57 -9.78
N SER B 96 26.94 -13.77 -10.34
CA SER B 96 25.94 -14.82 -10.24
C SER B 96 25.69 -15.22 -8.79
N PRO B 97 24.42 -15.32 -8.39
CA PRO B 97 24.05 -15.63 -7.01
C PRO B 97 24.41 -17.05 -6.61
N CYS B 98 24.56 -17.28 -5.30
CA CYS B 98 24.86 -18.60 -4.78
C CYS B 98 23.63 -19.49 -4.87
N PRO B 99 23.81 -20.82 -4.77
CA PRO B 99 22.67 -21.74 -4.82
C PRO B 99 21.60 -21.47 -3.76
N ASP B 100 22.03 -21.07 -2.56
CA ASP B 100 21.14 -20.76 -1.44
C ASP B 100 20.19 -19.60 -1.76
N CYS B 101 20.81 -18.51 -2.21
CA CYS B 101 20.05 -17.34 -2.61
C CYS B 101 19.23 -17.61 -3.86
N SER B 102 19.71 -18.56 -4.67
CA SER B 102 19.04 -18.91 -5.92
C SER B 102 17.70 -19.59 -5.68
N LYS B 103 17.61 -20.38 -4.61
CA LYS B 103 16.36 -21.04 -4.23
C LYS B 103 15.31 -20.01 -3.87
N MET B 104 15.69 -19.06 -3.02
CA MET B 104 14.79 -18.00 -2.59
C MET B 104 14.40 -17.09 -3.74
N ILE B 105 15.34 -16.85 -4.66
CA ILE B 105 15.08 -16.06 -5.86
C ILE B 105 13.99 -16.73 -6.70
N ALA B 106 14.15 -18.02 -6.91
CA ALA B 106 13.21 -18.80 -7.72
C ALA B 106 11.83 -18.84 -7.07
N GLN B 107 11.79 -19.07 -5.76
CA GLN B 107 10.54 -19.15 -5.02
C GLN B 107 9.82 -17.80 -5.01
N ALA B 108 10.59 -16.72 -5.19
CA ALA B 108 10.05 -15.38 -5.18
C ALA B 108 9.37 -15.03 -6.50
N GLY B 109 9.45 -15.94 -7.47
CA GLY B 109 8.82 -15.74 -8.76
C GLY B 109 9.57 -14.74 -9.64
N VAL B 110 10.88 -14.68 -9.46
CA VAL B 110 11.72 -13.81 -10.27
C VAL B 110 11.84 -14.36 -11.68
N LYS B 111 11.41 -13.56 -12.66
CA LYS B 111 11.36 -14.00 -14.05
C LYS B 111 12.73 -14.29 -14.63
N LYS B 112 13.69 -13.38 -14.41
CA LYS B 112 14.99 -13.50 -15.06
C LYS B 112 16.09 -12.87 -14.21
N VAL B 113 17.30 -13.41 -14.33
CA VAL B 113 18.45 -12.87 -13.62
C VAL B 113 19.58 -12.51 -14.57
N TYR B 114 19.81 -11.21 -14.73
CA TYR B 114 20.95 -10.73 -15.49
C TYR B 114 22.18 -10.69 -14.59
N TYR B 115 23.31 -11.17 -15.09
CA TYR B 115 24.55 -11.14 -14.32
C TYR B 115 25.73 -10.81 -15.23
N ARG B 116 26.77 -10.22 -14.65
CA ARG B 116 27.95 -9.86 -15.41
C ARG B 116 29.09 -10.87 -15.21
N ASN B 117 29.51 -11.03 -13.96
CA ASN B 117 30.63 -11.91 -13.66
C ASN B 117 30.19 -13.26 -13.11
N GLU B 118 30.76 -14.33 -13.65
CA GLU B 118 30.49 -15.58 -12.97
C GLU B 118 31.43 -15.71 -11.79
N TYR B 119 30.82 -16.17 -10.70
CA TYR B 119 31.51 -16.38 -9.44
C TYR B 119 32.48 -17.54 -9.62
N ARG B 120 33.32 -17.80 -8.61
CA ARG B 120 34.17 -18.99 -8.63
C ARG B 120 33.30 -20.19 -8.89
N ILE B 121 32.50 -20.54 -7.89
CA ILE B 121 31.46 -21.53 -8.01
C ILE B 121 30.38 -21.02 -8.96
N THR B 122 29.91 -21.88 -9.85
CA THR B 122 28.85 -21.49 -10.77
C THR B 122 27.58 -22.30 -10.55
N ASP B 123 27.50 -22.98 -9.40
CA ASP B 123 26.35 -23.82 -9.08
C ASP B 123 25.06 -23.01 -9.01
N GLY B 124 25.17 -21.76 -8.59
CA GLY B 124 24.01 -20.90 -8.41
C GLY B 124 23.20 -20.70 -9.67
N ILE B 125 23.90 -20.48 -10.79
CA ILE B 125 23.25 -20.35 -12.09
C ILE B 125 22.44 -21.60 -12.41
N ASP B 126 23.09 -22.75 -12.30
CA ASP B 126 22.46 -24.03 -12.58
C ASP B 126 21.16 -24.23 -11.80
N VAL B 127 21.15 -23.75 -10.56
CA VAL B 127 19.96 -23.85 -9.72
C VAL B 127 18.84 -22.98 -10.27
N LEU B 128 19.20 -21.77 -10.70
CA LEU B 128 18.23 -20.85 -11.31
C LEU B 128 17.64 -21.45 -12.57
N GLN B 129 18.49 -22.01 -13.43
CA GLN B 129 18.07 -22.67 -14.65
C GLN B 129 17.02 -23.74 -14.36
N GLN B 130 17.34 -24.59 -13.40
CA GLN B 130 16.51 -25.72 -13.02
C GLN B 130 15.17 -25.30 -12.43
N LEU B 131 15.18 -24.21 -11.67
CA LEU B 131 13.99 -23.76 -10.95
C LEU B 131 13.20 -22.69 -11.69
N GLY B 132 13.41 -22.56 -13.00
CA GLY B 132 12.56 -21.72 -13.82
C GLY B 132 13.11 -20.37 -14.22
N VAL B 133 13.93 -19.78 -13.35
CA VAL B 133 14.45 -18.44 -13.59
C VAL B 133 15.35 -18.40 -14.82
N GLU B 134 15.06 -17.49 -15.74
CA GLU B 134 15.87 -17.31 -16.94
C GLU B 134 17.16 -16.58 -16.58
N VAL B 135 18.22 -16.87 -17.32
CA VAL B 135 19.54 -16.31 -17.00
C VAL B 135 20.27 -15.79 -18.23
N GLU B 136 20.67 -14.52 -18.20
CA GLU B 136 21.47 -13.93 -19.26
C GLU B 136 22.75 -13.30 -18.72
N LYS B 137 23.88 -13.68 -19.30
CA LYS B 137 25.14 -13.03 -18.96
C LYS B 137 25.35 -11.81 -19.85
N MET B 138 25.67 -10.68 -19.23
CA MET B 138 25.88 -9.43 -19.96
C MET B 138 27.00 -8.61 -19.34
N HIS C 3 3.97 -8.52 26.33
CA HIS C 3 3.06 -7.38 26.19
C HIS C 3 1.86 -7.76 25.36
N MET C 4 1.93 -8.95 24.74
CA MET C 4 0.80 -9.51 24.03
C MET C 4 -0.03 -10.33 25.01
N LYS C 5 -1.34 -10.22 24.93
CA LYS C 5 -2.21 -10.98 25.83
C LYS C 5 -1.98 -12.48 25.65
N PRO C 6 -1.81 -13.19 26.77
CA PRO C 6 -1.37 -14.60 26.80
C PRO C 6 -2.25 -15.55 26.00
N GLU C 7 -3.55 -15.28 25.92
CA GLU C 7 -4.46 -16.16 25.19
C GLU C 7 -4.36 -15.94 23.69
N ILE C 8 -4.02 -14.72 23.29
CA ILE C 8 -3.83 -14.42 21.87
C ILE C 8 -2.46 -14.91 21.41
N LYS C 9 -1.46 -14.64 22.23
CA LYS C 9 -0.10 -15.13 22.01
C LYS C 9 -0.10 -16.65 21.84
N GLU C 10 -0.97 -17.32 22.60
CA GLU C 10 -1.13 -18.76 22.51
C GLU C 10 -1.85 -19.15 21.22
N ALA C 11 -2.81 -18.31 20.81
CA ALA C 11 -3.62 -18.59 19.64
C ALA C 11 -2.79 -18.53 18.35
N TYR C 12 -1.86 -17.58 18.29
CA TYR C 12 -0.99 -17.46 17.13
C TYR C 12 -0.01 -18.62 17.04
N MET C 13 0.60 -18.96 18.17
CA MET C 13 1.59 -20.04 18.21
C MET C 13 0.98 -21.37 17.80
N LYS C 14 -0.29 -21.57 18.12
CA LYS C 14 -1.00 -22.78 17.72
C LYS C 14 -1.38 -22.73 16.25
N THR C 15 -1.54 -21.52 15.72
CA THR C 15 -1.81 -21.33 14.30
C THR C 15 -0.58 -21.75 13.50
N ALA C 16 0.59 -21.40 14.02
CA ALA C 16 1.86 -21.82 13.41
C ALA C 16 1.98 -23.33 13.43
N GLU C 17 1.46 -23.95 14.48
CA GLU C 17 1.49 -25.40 14.62
C GLU C 17 0.53 -26.06 13.64
N LEU C 18 -0.58 -25.38 13.36
CA LEU C 18 -1.57 -25.89 12.41
C LEU C 18 -1.02 -25.91 10.98
N PHE C 19 -0.39 -24.82 10.57
CA PHE C 19 0.14 -24.72 9.22
C PHE C 19 1.44 -25.49 9.05
N SER C 20 2.04 -25.90 10.17
CA SER C 20 3.21 -26.75 10.13
C SER C 20 2.80 -28.18 9.79
N GLN C 21 1.52 -28.46 9.94
CA GLN C 21 0.99 -29.80 9.68
C GLN C 21 0.71 -30.01 8.19
N VAL C 22 0.99 -29.00 7.38
CA VAL C 22 0.81 -29.07 5.93
C VAL C 22 2.16 -29.29 5.27
N SER C 23 3.21 -29.26 6.10
CA SER C 23 4.60 -29.28 5.64
C SER C 23 4.98 -30.40 4.67
N ASN C 24 4.30 -31.53 4.77
CA ASN C 24 4.55 -32.71 3.92
C ASN C 24 5.90 -33.39 4.25
N CYS C 25 6.83 -32.62 4.80
CA CYS C 25 8.08 -33.19 5.29
C CYS C 25 7.78 -34.18 6.41
N LYS C 26 8.62 -35.22 6.53
CA LYS C 26 8.37 -36.24 7.54
C LYS C 26 9.45 -36.34 8.60
N ARG C 27 10.63 -35.79 8.34
CA ARG C 27 11.66 -35.79 9.37
C ARG C 27 11.32 -34.80 10.48
N MET C 28 10.78 -33.65 10.12
CA MET C 28 10.29 -32.67 11.08
C MET C 28 9.44 -31.62 10.37
N LYS C 29 8.26 -31.36 10.93
CA LYS C 29 7.34 -30.39 10.34
C LYS C 29 7.50 -29.02 11.01
N VAL C 30 7.90 -28.03 10.22
CA VAL C 30 8.16 -26.68 10.74
C VAL C 30 7.18 -25.67 10.14
N GLY C 31 6.71 -24.74 10.97
CA GLY C 31 5.82 -23.68 10.53
C GLY C 31 6.27 -22.32 11.04
N ALA C 32 5.97 -21.27 10.26
CA ALA C 32 6.37 -19.93 10.64
C ALA C 32 5.32 -18.90 10.25
N ILE C 33 4.78 -18.19 11.24
CA ILE C 33 3.73 -17.20 11.03
C ILE C 33 4.27 -15.78 11.10
N VAL C 34 3.84 -14.93 10.17
CA VAL C 34 4.18 -13.51 10.21
C VAL C 34 2.99 -12.68 10.66
N VAL C 35 3.12 -12.03 11.82
CA VAL C 35 2.02 -11.25 12.39
C VAL C 35 2.34 -9.76 12.46
N LYS C 36 1.49 -8.95 11.83
CA LYS C 36 1.60 -7.50 11.95
C LYS C 36 0.22 -6.87 12.04
N ASN C 37 0.04 -6.04 13.08
CA ASN C 37 -1.23 -5.33 13.31
C ASN C 37 -2.44 -6.26 13.35
N GLY C 38 -2.31 -7.37 14.07
CA GLY C 38 -3.41 -8.29 14.27
C GLY C 38 -3.77 -9.11 13.04
N SER C 39 -2.93 -9.03 12.01
CA SER C 39 -3.17 -9.78 10.79
C SER C 39 -2.04 -10.77 10.52
N ILE C 40 -2.39 -11.93 9.97
CA ILE C 40 -1.40 -12.94 9.61
C ILE C 40 -1.04 -12.78 8.13
N LEU C 41 0.11 -12.16 7.89
CA LEU C 41 0.51 -11.79 6.53
C LEU C 41 1.13 -12.94 5.75
N ALA C 42 1.61 -13.96 6.46
CA ALA C 42 2.27 -15.09 5.80
C ALA C 42 2.36 -16.31 6.69
N HIS C 43 1.88 -17.43 6.21
CA HIS C 43 2.16 -18.67 6.85
C HIS C 43 3.09 -19.42 5.97
N GLY C 44 4.23 -19.73 6.49
CA GLY C 44 5.23 -20.52 5.80
C GLY C 44 5.52 -21.83 6.51
N TRP C 45 5.82 -22.85 5.72
CA TRP C 45 6.24 -24.14 6.27
C TRP C 45 7.33 -24.74 5.40
N ASN C 46 8.15 -25.62 5.98
CA ASN C 46 9.25 -26.22 5.25
C ASN C 46 8.78 -27.14 4.13
N GLY C 47 9.56 -27.20 3.06
CA GLY C 47 9.22 -28.02 1.91
C GLY C 47 10.01 -27.66 0.67
N THR C 48 9.78 -28.41 -0.40
CA THR C 48 10.45 -28.19 -1.67
C THR C 48 9.92 -26.92 -2.34
N PRO C 49 10.66 -26.36 -3.31
CA PRO C 49 10.15 -25.15 -3.97
C PRO C 49 8.91 -25.41 -4.82
N SER C 50 8.35 -24.34 -5.38
CA SER C 50 7.14 -24.43 -6.18
C SER C 50 7.41 -25.05 -7.54
N GLY C 51 6.72 -26.15 -7.85
CA GLY C 51 6.86 -26.80 -9.13
C GLY C 51 7.93 -27.86 -9.15
N PHE C 52 8.62 -28.04 -8.02
CA PHE C 52 9.69 -29.01 -7.91
C PHE C 52 9.16 -30.42 -8.18
N HIS C 53 10.02 -31.30 -8.69
CA HIS C 53 9.59 -32.62 -9.16
C HIS C 53 8.99 -33.49 -8.06
N THR C 54 9.26 -33.12 -6.81
CA THR C 54 8.72 -33.86 -5.67
C THR C 54 8.42 -32.92 -4.50
N ASN C 55 7.35 -33.22 -3.78
CA ASN C 55 7.00 -32.49 -2.56
C ASN C 55 7.58 -33.22 -1.34
N CYS C 56 8.08 -34.42 -1.61
CA CYS C 56 8.89 -35.23 -0.72
C CYS C 56 10.17 -34.50 -0.36
N CYS C 57 10.34 -34.23 0.93
CA CYS C 57 11.44 -33.40 1.39
C CYS C 57 12.72 -34.15 1.67
N GLU C 58 12.68 -35.47 1.64
CA GLU C 58 13.84 -36.24 2.09
C GLU C 58 14.46 -37.04 0.99
N LEU C 59 15.76 -37.30 1.13
CA LEU C 59 16.47 -38.16 0.21
C LEU C 59 16.31 -39.59 0.67
N GLU C 60 16.97 -40.51 0.00
CA GLU C 60 16.96 -41.96 0.17
C GLU C 60 17.57 -42.40 1.48
N ASP C 61 18.23 -41.47 2.17
CA ASP C 61 18.98 -41.82 3.37
C ASP C 61 18.33 -41.25 4.64
N GLY C 62 17.30 -40.45 4.44
CA GLY C 62 16.57 -39.87 5.57
C GLY C 62 17.02 -38.46 5.89
N SER C 63 17.99 -37.95 5.15
CA SER C 63 18.46 -36.59 5.33
C SER C 63 17.69 -35.65 4.40
N THR C 64 17.68 -34.36 4.74
CA THR C 64 16.87 -33.38 4.03
C THR C 64 17.43 -33.06 2.64
N ASN C 65 16.53 -33.01 1.65
CA ASN C 65 16.86 -32.49 0.34
C ASN C 65 17.36 -31.07 0.47
N PRO C 66 18.56 -30.78 -0.07
CA PRO C 66 19.13 -29.43 0.01
C PRO C 66 18.24 -28.36 -0.61
N PHE C 67 17.40 -28.76 -1.57
CA PHE C 67 16.50 -27.82 -2.23
C PHE C 67 15.31 -27.44 -1.36
N VAL C 68 15.13 -28.15 -0.25
CA VAL C 68 14.03 -27.86 0.66
C VAL C 68 14.21 -26.51 1.33
N LEU C 69 13.20 -25.65 1.19
CA LEU C 69 13.21 -24.35 1.83
C LEU C 69 12.75 -24.46 3.28
N HIS C 70 13.35 -23.64 4.14
CA HIS C 70 12.93 -23.59 5.53
C HIS C 70 11.60 -22.86 5.65
N ALA C 71 10.88 -23.10 6.73
CA ALA C 71 9.60 -22.45 6.98
C ALA C 71 9.78 -20.93 7.06
N GLU C 72 10.93 -20.51 7.58
CA GLU C 72 11.25 -19.11 7.74
C GLU C 72 11.61 -18.47 6.40
N GLN C 73 12.27 -19.24 5.54
CA GLN C 73 12.57 -18.80 4.18
C GLN C 73 11.29 -18.56 3.41
N ASN C 74 10.39 -19.54 3.47
CA ASN C 74 9.09 -19.44 2.81
C ASN C 74 8.26 -18.29 3.35
N ALA C 75 8.39 -18.01 4.64
CA ALA C 75 7.64 -16.94 5.27
C ALA C 75 8.09 -15.57 4.74
N LEU C 76 9.39 -15.41 4.56
CA LEU C 76 9.95 -14.14 4.12
C LEU C 76 9.85 -13.97 2.60
N VAL C 77 9.97 -15.07 1.88
CA VAL C 77 9.78 -15.05 0.43
C VAL C 77 8.33 -14.70 0.11
N LYS C 78 7.40 -15.23 0.90
CA LYS C 78 6.00 -14.90 0.76
C LYS C 78 5.80 -13.40 0.95
N MET C 79 6.42 -12.84 1.99
CA MET C 79 6.33 -11.41 2.27
C MET C 79 6.92 -10.58 1.13
N ALA C 80 7.91 -11.12 0.45
CA ALA C 80 8.56 -10.45 -0.67
C ALA C 80 7.62 -10.38 -1.85
N LYS C 81 6.96 -11.49 -2.13
CA LYS C 81 5.94 -11.52 -3.18
C LYS C 81 4.66 -10.79 -2.74
N SER C 82 4.49 -10.67 -1.43
CA SER C 82 3.29 -10.09 -0.84
C SER C 82 3.41 -8.59 -1.03
N SER C 83 2.30 -7.86 -1.04
CA SER C 83 2.36 -6.43 -1.31
C SER C 83 2.29 -5.61 -0.03
N GLU C 84 2.60 -6.24 1.11
CA GLU C 84 2.69 -5.62 2.43
C GLU C 84 4.10 -5.74 2.95
N SER C 85 4.44 -5.00 4.00
CA SER C 85 5.79 -5.04 4.54
C SER C 85 5.93 -6.01 5.71
N ILE C 86 7.11 -6.59 5.85
CA ILE C 86 7.41 -7.48 6.96
C ILE C 86 8.05 -6.69 8.09
N ASP C 87 8.46 -5.46 7.79
CA ASP C 87 9.13 -4.60 8.76
C ASP C 87 8.19 -4.25 9.92
N GLY C 88 8.73 -4.28 11.14
CA GLY C 88 7.96 -3.95 12.32
C GLY C 88 6.92 -4.99 12.67
N SER C 89 7.16 -6.23 12.25
CA SER C 89 6.26 -7.33 12.55
C SER C 89 6.95 -8.36 13.44
N GLU C 90 6.17 -9.27 14.03
CA GLU C 90 6.74 -10.32 14.86
C GLU C 90 6.44 -11.70 14.28
N LEU C 91 7.26 -12.67 14.67
CA LEU C 91 7.26 -13.99 14.04
C LEU C 91 6.88 -15.11 15.02
N PHE C 92 6.06 -16.05 14.55
CA PHE C 92 5.70 -17.20 15.35
C PHE C 92 6.22 -18.49 14.71
N CYS C 93 7.23 -19.08 15.32
CA CYS C 93 7.83 -20.30 14.80
C CYS C 93 7.49 -21.51 15.66
N THR C 94 7.26 -22.65 15.02
CA THR C 94 7.09 -23.90 15.74
C THR C 94 8.45 -24.36 16.26
N HIS C 95 9.48 -24.06 15.47
CA HIS C 95 10.85 -24.39 15.85
C HIS C 95 11.75 -23.18 15.67
N SER C 96 12.71 -23.02 16.57
CA SER C 96 13.65 -21.91 16.53
C SER C 96 14.40 -21.87 15.20
N PRO C 97 14.44 -20.69 14.56
CA PRO C 97 15.07 -20.52 13.24
C PRO C 97 16.56 -20.82 13.24
N CYS C 98 17.11 -21.08 12.06
CA CYS C 98 18.52 -21.35 11.89
C CYS C 98 19.31 -20.04 11.83
N PRO C 99 20.63 -20.08 12.05
CA PRO C 99 21.46 -18.89 11.96
C PRO C 99 21.30 -18.10 10.66
N ASP C 100 21.26 -18.80 9.53
CA ASP C 100 21.16 -18.15 8.23
C ASP C 100 19.84 -17.41 8.08
N CYS C 101 18.75 -18.04 8.52
CA CYS C 101 17.44 -17.43 8.45
C CYS C 101 17.29 -16.30 9.47
N SER C 102 17.86 -16.51 10.67
CA SER C 102 17.82 -15.50 11.72
C SER C 102 18.50 -14.22 11.28
N LYS C 103 19.52 -14.36 10.44
CA LYS C 103 20.19 -13.23 9.82
C LYS C 103 19.21 -12.39 9.03
N MET C 104 18.50 -13.04 8.11
CA MET C 104 17.54 -12.38 7.24
C MET C 104 16.36 -11.84 8.02
N ILE C 105 15.94 -12.59 9.05
CA ILE C 105 14.85 -12.17 9.93
C ILE C 105 15.16 -10.83 10.58
N ALA C 106 16.37 -10.70 11.10
CA ALA C 106 16.81 -9.49 11.77
C ALA C 106 16.87 -8.31 10.80
N GLN C 107 17.47 -8.55 9.64
CA GLN C 107 17.62 -7.51 8.63
C GLN C 107 16.25 -7.12 8.05
N ALA C 108 15.27 -8.01 8.18
CA ALA C 108 13.92 -7.76 7.70
C ALA C 108 13.16 -6.79 8.60
N GLY C 109 13.76 -6.45 9.73
CA GLY C 109 13.14 -5.53 10.66
C GLY C 109 12.05 -6.18 11.49
N VAL C 110 12.16 -7.49 11.68
CA VAL C 110 11.23 -8.23 12.54
C VAL C 110 11.51 -7.87 14.00
N LYS C 111 10.46 -7.53 14.73
CA LYS C 111 10.60 -7.10 16.13
C LYS C 111 10.89 -8.24 17.09
N LYS C 112 10.06 -9.28 17.05
CA LYS C 112 10.14 -10.34 18.04
C LYS C 112 9.89 -11.72 17.44
N VAL C 113 10.50 -12.74 18.01
CA VAL C 113 10.32 -14.12 17.56
C VAL C 113 9.86 -15.04 18.70
N TYR C 114 8.63 -15.52 18.60
CA TYR C 114 8.15 -16.56 19.50
C TYR C 114 8.41 -17.93 18.88
N TYR C 115 9.00 -18.83 19.66
CA TYR C 115 9.17 -20.21 19.19
C TYR C 115 8.81 -21.19 20.30
N ARG C 116 8.26 -22.33 19.92
CA ARG C 116 7.81 -23.31 20.90
C ARG C 116 8.84 -24.42 21.14
N ASN C 117 9.40 -24.95 20.06
CA ASN C 117 10.37 -26.02 20.18
C ASN C 117 11.81 -25.57 20.01
N GLU C 118 12.63 -25.83 21.03
CA GLU C 118 14.05 -25.53 20.98
C GLU C 118 14.76 -26.55 20.10
N TYR C 119 15.42 -26.05 19.06
CA TYR C 119 16.12 -26.93 18.13
C TYR C 119 17.41 -27.44 18.76
N ARG C 120 17.93 -28.55 18.25
CA ARG C 120 19.15 -29.16 18.76
C ARG C 120 20.25 -28.14 18.94
N ILE C 121 20.38 -27.26 17.96
CA ILE C 121 21.42 -26.23 18.03
C ILE C 121 20.89 -24.83 18.32
N THR C 122 21.33 -24.25 19.46
CA THR C 122 20.85 -22.96 19.94
C THR C 122 21.23 -21.82 19.00
N ASP C 123 22.33 -22.01 18.27
CA ASP C 123 23.04 -20.94 17.60
C ASP C 123 22.19 -20.02 16.72
N GLY C 124 20.96 -20.40 16.43
CA GLY C 124 20.07 -19.55 15.65
C GLY C 124 19.55 -18.43 16.52
N ILE C 125 19.17 -18.80 17.74
CA ILE C 125 18.66 -17.87 18.74
C ILE C 125 19.75 -16.86 19.13
N ASP C 126 21.00 -17.32 19.13
CA ASP C 126 22.13 -16.45 19.39
C ASP C 126 22.18 -15.30 18.40
N VAL C 127 22.02 -15.63 17.12
CA VAL C 127 22.05 -14.63 16.05
C VAL C 127 20.92 -13.62 16.22
N LEU C 128 19.73 -14.11 16.56
CA LEU C 128 18.57 -13.26 16.79
C LEU C 128 18.82 -12.24 17.90
N GLN C 129 19.24 -12.74 19.05
CA GLN C 129 19.48 -11.90 20.23
C GLN C 129 20.55 -10.84 19.97
N GLN C 130 21.65 -11.27 19.35
CA GLN C 130 22.76 -10.34 19.13
C GLN C 130 22.43 -9.28 18.09
N LEU C 131 21.44 -9.52 17.25
CA LEU C 131 21.05 -8.57 16.22
C LEU C 131 19.85 -7.72 16.62
N GLY C 132 19.50 -7.77 17.91
CA GLY C 132 18.48 -6.90 18.45
C GLY C 132 17.04 -7.33 18.16
N VAL C 133 16.83 -8.62 17.99
CA VAL C 133 15.50 -9.17 17.82
C VAL C 133 15.10 -9.97 19.06
N GLU C 134 14.04 -9.53 19.73
CA GLU C 134 13.57 -10.17 20.95
C GLU C 134 13.15 -11.62 20.71
N VAL C 135 13.42 -12.47 21.69
CA VAL C 135 13.07 -13.89 21.60
C VAL C 135 12.31 -14.33 22.85
N GLU C 136 11.19 -15.02 22.64
CA GLU C 136 10.41 -15.55 23.76
C GLU C 136 9.98 -16.99 23.50
N LYS C 137 10.41 -17.90 24.36
CA LYS C 137 10.00 -19.29 24.27
C LYS C 137 8.64 -19.48 24.95
N MET C 138 7.78 -20.29 24.35
CA MET C 138 6.50 -20.63 24.94
C MET C 138 6.10 -22.06 24.63
N MET D 4 -19.40 6.06 -13.45
CA MET D 4 -20.06 4.92 -14.10
C MET D 4 -21.58 5.15 -14.16
N LYS D 5 -22.02 6.22 -13.50
CA LYS D 5 -23.42 6.63 -13.54
C LYS D 5 -23.50 8.14 -13.66
N PRO D 6 -24.43 8.65 -14.48
CA PRO D 6 -24.55 10.09 -14.79
C PRO D 6 -24.73 10.99 -13.56
N GLU D 7 -25.44 10.51 -12.54
CA GLU D 7 -25.65 11.33 -11.34
C GLU D 7 -24.44 11.27 -10.42
N ILE D 8 -23.76 10.13 -10.40
CA ILE D 8 -22.52 10.00 -9.65
C ILE D 8 -21.43 10.81 -10.35
N LYS D 9 -21.50 10.82 -11.68
CA LYS D 9 -20.60 11.61 -12.50
C LYS D 9 -20.78 13.10 -12.22
N GLU D 10 -22.03 13.52 -12.06
CA GLU D 10 -22.35 14.91 -11.76
C GLU D 10 -21.99 15.28 -10.33
N ALA D 11 -21.89 14.27 -9.46
CA ALA D 11 -21.52 14.49 -8.08
C ALA D 11 -20.04 14.82 -7.95
N TYR D 12 -19.21 14.09 -8.70
CA TYR D 12 -17.77 14.31 -8.70
C TYR D 12 -17.41 15.70 -9.21
N MET D 13 -18.04 16.10 -10.30
CA MET D 13 -17.77 17.40 -10.89
C MET D 13 -18.27 18.53 -9.99
N LYS D 14 -19.37 18.27 -9.28
CA LYS D 14 -19.85 19.30 -8.37
C LYS D 14 -19.01 19.33 -7.10
N THR D 15 -18.35 18.23 -6.78
CA THR D 15 -17.39 18.21 -5.68
C THR D 15 -16.16 19.02 -6.06
N ALA D 16 -15.77 18.92 -7.32
CA ALA D 16 -14.64 19.67 -7.85
C ALA D 16 -14.91 21.16 -7.76
N GLU D 17 -16.15 21.56 -8.00
CA GLU D 17 -16.54 22.96 -7.90
C GLU D 17 -16.59 23.42 -6.46
N LEU D 18 -16.95 22.51 -5.56
CA LEU D 18 -16.99 22.82 -4.13
C LEU D 18 -15.62 23.20 -3.59
N PHE D 19 -14.59 22.50 -4.06
CA PHE D 19 -13.24 22.68 -3.55
C PHE D 19 -12.52 23.85 -4.23
N SER D 20 -12.99 24.23 -5.41
CA SER D 20 -12.40 25.37 -6.12
C SER D 20 -12.74 26.65 -5.38
N GLN D 21 -13.85 26.63 -4.66
CA GLN D 21 -14.31 27.78 -3.89
C GLN D 21 -13.49 27.98 -2.62
N VAL D 22 -12.72 26.97 -2.25
CA VAL D 22 -11.86 27.04 -1.08
C VAL D 22 -10.62 27.87 -1.39
N SER D 23 -10.28 27.93 -2.68
CA SER D 23 -9.11 28.67 -3.14
C SER D 23 -9.20 30.17 -2.83
N ASN D 24 -8.11 30.73 -2.31
CA ASN D 24 -8.05 32.14 -1.94
C ASN D 24 -7.83 33.06 -3.14
N CYS D 25 -7.48 32.48 -4.29
CA CYS D 25 -7.19 33.25 -5.49
CA CYS D 25 -7.17 33.33 -5.55
C CYS D 25 -8.37 34.11 -5.94
N LYS D 26 -8.05 35.33 -6.43
CA LYS D 26 -9.06 36.28 -6.90
C LYS D 26 -9.20 36.27 -8.41
N ARG D 27 -8.10 35.90 -9.10
CA ARG D 27 -8.20 35.94 -10.53
C ARG D 27 -9.09 34.82 -11.06
N MET D 28 -8.88 33.58 -10.66
CA MET D 28 -9.71 32.47 -11.13
C MET D 28 -9.61 31.31 -10.15
N LYS D 29 -10.76 30.81 -9.69
CA LYS D 29 -10.78 29.71 -8.74
C LYS D 29 -10.96 28.37 -9.45
N VAL D 30 -9.87 27.61 -9.54
CA VAL D 30 -9.88 26.33 -10.26
C VAL D 30 -9.77 25.16 -9.29
N GLY D 31 -10.50 24.09 -9.57
CA GLY D 31 -10.44 22.90 -8.76
C GLY D 31 -10.28 21.65 -9.61
N ALA D 32 -9.62 20.64 -9.06
CA ALA D 32 -9.39 19.39 -9.78
C ALA D 32 -9.23 18.23 -8.80
N ILE D 33 -10.02 17.18 -8.99
CA ILE D 33 -9.96 16.04 -8.09
C ILE D 33 -9.61 14.74 -8.81
N VAL D 34 -8.98 13.82 -8.07
CA VAL D 34 -8.57 12.53 -8.60
C VAL D 34 -9.51 11.42 -8.13
N VAL D 35 -10.16 10.76 -9.07
CA VAL D 35 -11.16 9.73 -8.75
C VAL D 35 -10.76 8.35 -9.27
N LYS D 36 -10.89 7.34 -8.42
CA LYS D 36 -10.56 5.97 -8.79
C LYS D 36 -11.20 4.98 -7.82
N ASN D 37 -11.87 3.96 -8.36
CA ASN D 37 -12.56 2.95 -7.57
C ASN D 37 -13.51 3.54 -6.54
N GLY D 38 -14.25 4.57 -6.95
CA GLY D 38 -15.23 5.21 -6.09
C GLY D 38 -14.61 6.07 -5.01
N SER D 39 -13.31 6.31 -5.11
CA SER D 39 -12.60 7.07 -4.09
C SER D 39 -11.98 8.36 -4.65
N ILE D 40 -12.18 9.46 -3.93
CA ILE D 40 -11.55 10.72 -4.28
C ILE D 40 -10.19 10.79 -3.60
N LEU D 41 -9.15 10.42 -4.35
CA LEU D 41 -7.81 10.27 -3.80
C LEU D 41 -7.11 11.60 -3.57
N ALA D 42 -7.51 12.61 -4.33
CA ALA D 42 -6.87 13.92 -4.26
C ALA D 42 -7.82 15.02 -4.70
N HIS D 43 -7.86 16.10 -3.97
CA HIS D 43 -8.61 17.24 -4.40
C HIS D 43 -7.79 18.45 -4.29
N GLY D 44 -7.47 19.01 -5.40
CA GLY D 44 -6.59 20.16 -5.47
C GLY D 44 -7.22 21.42 -6.02
N TRP D 45 -6.77 22.56 -5.52
CA TRP D 45 -7.17 23.87 -6.03
C TRP D 45 -5.96 24.78 -6.12
N ASN D 46 -6.07 25.86 -6.90
CA ASN D 46 -4.96 26.77 -7.08
C ASN D 46 -4.68 27.60 -5.83
N GLY D 47 -3.41 27.95 -5.65
CA GLY D 47 -2.99 28.74 -4.51
C GLY D 47 -1.48 28.70 -4.31
N THR D 48 -1.01 29.36 -3.25
CA THR D 48 0.41 29.40 -2.93
C THR D 48 0.85 28.07 -2.32
N PRO D 49 2.17 27.78 -2.32
CA PRO D 49 2.65 26.57 -1.67
C PRO D 49 2.38 26.59 -0.17
N SER D 50 2.49 25.42 0.47
CA SER D 50 2.25 25.31 1.91
C SER D 50 3.24 26.16 2.69
N GLY D 51 2.75 26.85 3.72
CA GLY D 51 3.61 27.63 4.59
C GLY D 51 4.11 28.92 3.98
N PHE D 52 3.57 29.28 2.81
CA PHE D 52 3.95 30.52 2.15
C PHE D 52 3.52 31.70 3.00
N HIS D 53 4.22 32.82 2.87
CA HIS D 53 3.96 33.99 3.72
C HIS D 53 2.57 34.56 3.47
N THR D 54 2.03 34.31 2.27
CA THR D 54 0.68 34.72 1.95
C THR D 54 -0.11 33.58 1.33
N ASN D 55 -1.41 33.57 1.59
CA ASN D 55 -2.33 32.69 0.86
C ASN D 55 -2.90 33.46 -0.31
N CYS D 56 -2.43 34.70 -0.48
CA CYS D 56 -2.83 35.56 -1.59
C CYS D 56 -2.15 35.11 -2.88
N CYS D 57 -2.91 35.04 -3.96
CA CYS D 57 -2.41 34.48 -5.21
C CYS D 57 -1.90 35.55 -6.17
N GLU D 58 -2.11 36.82 -5.84
CA GLU D 58 -1.75 37.91 -6.75
C GLU D 58 -0.72 38.86 -6.17
N LEU D 59 0.12 39.41 -7.05
CA LEU D 59 1.10 40.40 -6.64
C LEU D 59 0.44 41.76 -6.42
N GLU D 60 1.26 42.78 -6.18
CA GLU D 60 0.73 44.11 -5.89
C GLU D 60 0.30 44.84 -7.16
N ASP D 61 0.48 44.21 -8.31
CA ASP D 61 0.02 44.79 -9.57
C ASP D 61 -1.09 43.93 -10.19
N GLY D 62 -1.63 43.02 -9.39
CA GLY D 62 -2.80 42.26 -9.80
C GLY D 62 -2.55 41.00 -10.60
N SER D 63 -1.33 40.86 -11.11
CA SER D 63 -0.98 39.66 -11.86
C SER D 63 -0.74 38.49 -10.91
N THR D 64 -0.77 37.28 -11.45
CA THR D 64 -0.67 36.08 -10.62
C THR D 64 0.75 35.82 -10.14
N ASN D 65 0.88 35.59 -8.84
CA ASN D 65 2.17 35.26 -8.24
C ASN D 65 2.78 34.01 -8.88
N PRO D 66 4.05 34.10 -9.29
CA PRO D 66 4.70 32.98 -9.99
C PRO D 66 4.90 31.75 -9.11
N PHE D 67 4.70 31.90 -7.80
CA PHE D 67 4.87 30.79 -6.86
C PHE D 67 3.61 29.94 -6.71
N VAL D 68 2.49 30.41 -7.27
CA VAL D 68 1.25 29.69 -7.09
C VAL D 68 1.20 28.44 -7.97
N LEU D 69 0.53 27.42 -7.46
CA LEU D 69 0.40 26.15 -8.16
C LEU D 69 -0.98 26.05 -8.80
N HIS D 70 -1.06 25.36 -9.93
CA HIS D 70 -2.35 25.10 -10.55
C HIS D 70 -3.11 24.06 -9.72
N ALA D 71 -4.42 23.99 -9.93
CA ALA D 71 -5.24 22.99 -9.26
C ALA D 71 -4.80 21.59 -9.67
N GLU D 72 -4.40 21.46 -10.93
CA GLU D 72 -3.95 20.19 -11.48
C GLU D 72 -2.58 19.80 -10.92
N GLN D 73 -1.71 20.78 -10.74
CA GLN D 73 -0.40 20.54 -10.16
C GLN D 73 -0.53 20.02 -8.74
N ASN D 74 -1.42 20.63 -7.97
CA ASN D 74 -1.68 20.20 -6.60
C ASN D 74 -2.34 18.83 -6.54
N ALA D 75 -3.26 18.58 -7.47
CA ALA D 75 -3.92 17.28 -7.55
C ALA D 75 -2.90 16.20 -7.90
N LEU D 76 -1.91 16.58 -8.70
CA LEU D 76 -0.84 15.67 -9.10
C LEU D 76 0.14 15.44 -7.95
N VAL D 77 0.57 16.55 -7.32
CA VAL D 77 1.56 16.51 -6.25
C VAL D 77 1.09 15.72 -5.02
N LYS D 78 -0.19 15.84 -4.69
CA LYS D 78 -0.74 15.14 -3.53
C LYS D 78 -0.76 13.62 -3.78
N MET D 79 -0.98 13.24 -5.04
CA MET D 79 -0.83 11.85 -5.42
C MET D 79 0.60 11.39 -5.24
N ALA D 80 1.54 12.29 -5.50
CA ALA D 80 2.95 11.99 -5.25
C ALA D 80 3.21 11.84 -3.76
N LYS D 81 2.45 12.59 -2.96
CA LYS D 81 2.55 12.52 -1.51
C LYS D 81 1.75 11.36 -0.95
N SER D 82 0.89 10.79 -1.78
CA SER D 82 -0.01 9.72 -1.34
C SER D 82 0.71 8.38 -1.29
N SER D 83 0.01 7.37 -0.77
CA SER D 83 0.46 6.00 -0.87
C SER D 83 -0.49 5.26 -1.79
N GLU D 84 -1.12 6.03 -2.68
CA GLU D 84 -2.05 5.49 -3.67
C GLU D 84 -1.58 5.88 -5.07
N SER D 85 -1.97 5.08 -6.07
CA SER D 85 -1.52 5.31 -7.43
C SER D 85 -2.54 6.11 -8.24
N ILE D 86 -2.05 7.07 -9.01
CA ILE D 86 -2.90 7.88 -9.88
C ILE D 86 -3.15 7.12 -11.19
N ASP D 87 -2.36 6.08 -11.41
CA ASP D 87 -2.47 5.28 -12.63
C ASP D 87 -3.83 4.57 -12.70
N GLY D 88 -4.60 4.91 -13.73
CA GLY D 88 -5.92 4.32 -13.92
C GLY D 88 -7.04 5.22 -13.47
N SER D 89 -6.69 6.35 -12.86
CA SER D 89 -7.68 7.27 -12.33
C SER D 89 -8.29 8.16 -13.41
N GLU D 90 -9.38 8.82 -13.07
CA GLU D 90 -10.00 9.80 -13.95
C GLU D 90 -10.01 11.16 -13.25
N LEU D 91 -10.02 12.24 -14.02
CA LEU D 91 -9.80 13.57 -13.46
C LEU D 91 -10.98 14.51 -13.70
N PHE D 92 -11.45 15.12 -12.61
CA PHE D 92 -12.54 16.09 -12.67
C PHE D 92 -12.05 17.50 -12.39
N CYS D 93 -12.07 18.36 -13.41
CA CYS D 93 -11.62 19.73 -13.24
C CYS D 93 -12.73 20.72 -13.58
N THR D 94 -12.71 21.87 -12.91
CA THR D 94 -13.69 22.93 -13.18
C THR D 94 -13.33 23.62 -14.49
N HIS D 95 -12.07 23.53 -14.87
CA HIS D 95 -11.58 24.15 -16.10
C HIS D 95 -10.69 23.18 -16.88
N SER D 96 -10.41 23.50 -18.14
CA SER D 96 -9.52 22.67 -18.94
C SER D 96 -8.07 22.98 -18.61
N PRO D 97 -7.31 21.95 -18.19
CA PRO D 97 -5.92 22.09 -17.75
C PRO D 97 -4.99 22.66 -18.82
N CYS D 98 -3.92 23.32 -18.37
CA CYS D 98 -2.95 23.93 -19.27
C CYS D 98 -2.12 22.86 -19.98
N PRO D 99 -1.47 23.22 -21.10
CA PRO D 99 -0.58 22.30 -21.82
C PRO D 99 0.45 21.61 -20.94
N ASP D 100 1.07 22.28 -20.00
CA ASP D 100 2.03 21.57 -19.21
C ASP D 100 1.40 20.64 -18.22
N CYS D 101 0.33 21.05 -17.59
CA CYS D 101 -0.35 20.13 -16.69
C CYS D 101 -0.86 18.90 -17.45
N SER D 102 -1.45 19.15 -18.62
CA SER D 102 -1.95 18.08 -19.47
C SER D 102 -0.84 17.09 -19.82
N LYS D 103 0.32 17.63 -20.14
CA LYS D 103 1.53 16.86 -20.42
C LYS D 103 1.82 15.87 -19.29
N MET D 104 1.72 16.35 -18.06
CA MET D 104 1.99 15.54 -16.88
C MET D 104 0.82 14.62 -16.55
N ILE D 105 -0.39 15.06 -16.91
CA ILE D 105 -1.60 14.28 -16.66
C ILE D 105 -1.60 12.98 -17.47
N ALA D 106 -1.23 13.08 -18.74
CA ALA D 106 -1.15 11.92 -19.62
C ALA D 106 -0.08 10.95 -19.16
N GLN D 107 1.10 11.49 -18.85
CA GLN D 107 2.23 10.69 -18.37
C GLN D 107 1.90 10.03 -17.04
N ALA D 108 0.95 10.61 -16.31
CA ALA D 108 0.51 10.08 -15.02
C ALA D 108 -0.33 8.82 -15.20
N GLY D 109 -0.78 8.57 -16.43
CA GLY D 109 -1.59 7.40 -16.72
C GLY D 109 -3.05 7.61 -16.39
N VAL D 110 -3.52 8.84 -16.59
CA VAL D 110 -4.92 9.18 -16.35
C VAL D 110 -5.76 8.82 -17.57
N LYS D 111 -6.75 7.97 -17.37
CA LYS D 111 -7.59 7.49 -18.46
C LYS D 111 -8.43 8.60 -19.09
N LYS D 112 -9.05 9.42 -18.25
CA LYS D 112 -10.00 10.41 -18.76
C LYS D 112 -10.01 11.71 -17.94
N VAL D 113 -10.26 12.82 -18.62
CA VAL D 113 -10.38 14.12 -17.97
C VAL D 113 -11.76 14.73 -18.19
N TYR D 114 -12.51 14.89 -17.11
CA TYR D 114 -13.78 15.60 -17.16
C TYR D 114 -13.57 17.08 -16.85
N TYR D 115 -14.24 17.97 -17.58
CA TYR D 115 -14.13 19.39 -17.30
C TYR D 115 -15.43 20.12 -17.64
N ARG D 116 -15.72 21.16 -16.86
CA ARG D 116 -16.98 21.90 -16.99
C ARG D 116 -16.82 23.15 -17.84
N ASN D 117 -15.98 24.07 -17.37
CA ASN D 117 -15.77 25.34 -18.07
C ASN D 117 -14.59 25.27 -19.03
N GLU D 118 -14.84 25.57 -20.30
CA GLU D 118 -13.76 25.68 -21.27
C GLU D 118 -12.97 26.95 -21.00
N TYR D 119 -11.64 26.82 -20.98
CA TYR D 119 -10.77 27.93 -20.65
C TYR D 119 -10.37 28.68 -21.91
N ARG D 120 -10.38 30.01 -21.83
CA ARG D 120 -9.80 30.81 -22.89
C ARG D 120 -8.36 30.34 -23.07
N ILE D 121 -8.05 29.95 -24.31
CA ILE D 121 -6.91 29.11 -24.71
C ILE D 121 -7.19 27.65 -24.37
N THR D 122 -7.30 26.82 -25.39
CA THR D 122 -7.71 25.43 -25.15
C THR D 122 -6.69 24.41 -25.63
N ASP D 123 -5.43 24.81 -25.73
CA ASP D 123 -4.39 23.90 -26.20
C ASP D 123 -4.18 22.72 -25.25
N GLY D 124 -4.56 22.89 -23.99
CA GLY D 124 -4.46 21.82 -23.01
C GLY D 124 -5.29 20.61 -23.37
N ILE D 125 -6.51 20.86 -23.84
CA ILE D 125 -7.37 19.79 -24.35
C ILE D 125 -6.67 19.06 -25.49
N ASP D 126 -6.15 19.85 -26.44
CA ASP D 126 -5.44 19.33 -27.60
C ASP D 126 -4.27 18.43 -27.21
N VAL D 127 -3.55 18.81 -26.16
CA VAL D 127 -2.44 18.01 -25.67
C VAL D 127 -2.93 16.67 -25.12
N LEU D 128 -4.06 16.70 -24.44
CA LEU D 128 -4.64 15.49 -23.86
C LEU D 128 -5.06 14.48 -24.92
N GLN D 129 -5.78 14.94 -25.94
CA GLN D 129 -6.23 14.07 -27.02
C GLN D 129 -5.04 13.47 -27.75
N GLN D 130 -4.04 14.30 -28.02
CA GLN D 130 -2.82 13.89 -28.70
C GLN D 130 -2.13 12.74 -27.97
N LEU D 131 -2.11 12.81 -26.64
CA LEU D 131 -1.43 11.81 -25.83
C LEU D 131 -2.37 10.69 -25.40
N GLY D 132 -3.51 10.59 -26.07
CA GLY D 132 -4.43 9.48 -25.87
C GLY D 132 -5.22 9.51 -24.57
N VAL D 133 -5.55 10.69 -24.10
CA VAL D 133 -6.38 10.83 -22.91
C VAL D 133 -7.82 11.20 -23.31
N GLU D 134 -8.78 10.37 -22.91
CA GLU D 134 -10.17 10.64 -23.21
C GLU D 134 -10.64 11.92 -22.52
N VAL D 135 -11.39 12.74 -23.23
CA VAL D 135 -11.81 14.04 -22.71
C VAL D 135 -13.30 14.27 -22.90
N GLU D 136 -13.99 14.66 -21.83
CA GLU D 136 -15.41 14.98 -21.92
C GLU D 136 -15.76 16.30 -21.24
N LYS D 137 -16.54 17.12 -21.92
CA LYS D 137 -17.07 18.34 -21.35
C LYS D 137 -18.47 18.06 -20.79
N MET D 138 -18.80 18.72 -19.68
CA MET D 138 -20.13 18.57 -19.09
C MET D 138 -20.60 19.89 -18.48
N MET E 4 -7.92 21.49 9.72
CA MET E 4 -9.26 21.42 9.20
C MET E 4 -9.94 22.73 9.24
N LYS E 5 -9.51 23.66 8.42
CA LYS E 5 -10.14 24.94 8.43
C LYS E 5 -11.59 24.76 8.15
N PRO E 6 -12.38 25.66 8.68
CA PRO E 6 -13.84 25.65 8.59
C PRO E 6 -14.44 25.87 7.19
N GLU E 7 -13.66 26.34 6.22
CA GLU E 7 -14.18 26.43 4.85
C GLU E 7 -13.95 25.10 4.13
N ILE E 8 -13.00 24.33 4.63
CA ILE E 8 -12.75 22.99 4.13
C ILE E 8 -13.73 22.03 4.78
N LYS E 9 -14.00 22.27 6.06
CA LYS E 9 -14.95 21.43 6.80
C LYS E 9 -16.32 21.50 6.15
N GLU E 10 -16.71 22.70 5.72
CA GLU E 10 -17.98 22.88 5.03
C GLU E 10 -18.01 22.13 3.71
N ALA E 11 -16.93 22.25 2.95
CA ALA E 11 -16.81 21.59 1.65
C ALA E 11 -16.93 20.08 1.79
N TYR E 12 -16.35 19.54 2.84
CA TYR E 12 -16.48 18.12 3.15
C TYR E 12 -17.94 17.75 3.43
N MET E 13 -18.59 18.58 4.25
CA MET E 13 -19.98 18.34 4.65
C MET E 13 -20.94 18.46 3.47
N LYS E 14 -20.67 19.40 2.58
CA LYS E 14 -21.51 19.59 1.41
C LYS E 14 -21.28 18.46 0.39
N THR E 15 -20.09 17.88 0.42
CA THR E 15 -19.78 16.72 -0.41
C THR E 15 -20.61 15.53 0.06
N ALA E 16 -20.82 15.46 1.37
CA ALA E 16 -21.66 14.43 1.97
C ALA E 16 -23.10 14.56 1.50
N GLU E 17 -23.57 15.79 1.37
CA GLU E 17 -24.93 16.06 0.95
C GLU E 17 -25.11 15.80 -0.53
N LEU E 18 -24.06 16.06 -1.31
CA LEU E 18 -24.10 15.81 -2.75
C LEU E 18 -24.31 14.33 -3.05
N PHE E 19 -23.63 13.47 -2.31
CA PHE E 19 -23.72 12.03 -2.53
C PHE E 19 -24.94 11.42 -1.85
N SER E 20 -25.60 12.21 -1.01
CA SER E 20 -26.85 11.77 -0.40
C SER E 20 -27.98 11.92 -1.41
N GLN E 21 -27.76 12.79 -2.39
CA GLN E 21 -28.78 13.10 -3.39
C GLN E 21 -28.86 12.06 -4.50
N VAL E 22 -27.86 11.21 -4.59
CA VAL E 22 -27.85 10.16 -5.62
C VAL E 22 -28.45 8.87 -5.08
N SER E 23 -28.89 8.91 -3.83
CA SER E 23 -29.56 7.76 -3.21
C SER E 23 -30.98 7.62 -3.73
N ASN E 24 -31.44 6.37 -3.85
CA ASN E 24 -32.77 6.09 -4.39
C ASN E 24 -33.76 5.72 -3.29
N CYS E 25 -33.46 6.13 -2.07
CA CYS E 25 -34.40 6.00 -0.97
C CYS E 25 -35.13 7.34 -0.75
N LYS E 26 -36.45 7.24 -0.58
CA LYS E 26 -37.27 8.46 -0.57
C LYS E 26 -37.86 8.75 0.81
N ARG E 27 -37.73 7.83 1.76
CA ARG E 27 -38.01 8.14 3.16
C ARG E 27 -36.97 9.11 3.69
N MET E 28 -35.70 8.83 3.39
CA MET E 28 -34.58 9.65 3.81
C MET E 28 -33.40 9.48 2.87
N LYS E 29 -32.79 10.59 2.48
CA LYS E 29 -31.57 10.55 1.68
C LYS E 29 -30.36 10.87 2.58
N VAL E 30 -29.54 9.85 2.83
CA VAL E 30 -28.41 9.99 3.74
C VAL E 30 -27.09 9.69 3.05
N GLY E 31 -26.10 10.54 3.30
CA GLY E 31 -24.76 10.33 2.77
C GLY E 31 -23.72 10.32 3.87
N ALA E 32 -22.67 9.54 3.69
CA ALA E 32 -21.61 9.43 4.69
C ALA E 32 -20.24 9.40 4.03
N ILE E 33 -19.36 10.29 4.48
CA ILE E 33 -18.05 10.46 3.86
C ILE E 33 -16.90 10.11 4.82
N VAL E 34 -15.91 9.39 4.31
CA VAL E 34 -14.70 9.09 5.06
C VAL E 34 -13.57 10.00 4.60
N VAL E 35 -13.02 10.79 5.52
CA VAL E 35 -12.01 11.78 5.18
C VAL E 35 -10.71 11.57 5.95
N LYS E 36 -9.59 11.58 5.23
CA LYS E 36 -8.28 11.32 5.84
C LYS E 36 -7.14 11.79 4.95
N ASN E 37 -6.22 12.55 5.54
CA ASN E 37 -5.04 13.06 4.84
C ASN E 37 -5.37 13.79 3.55
N GLY E 38 -6.45 14.58 3.57
CA GLY E 38 -6.86 15.34 2.41
C GLY E 38 -7.48 14.49 1.32
N SER E 39 -8.08 13.37 1.72
CA SER E 39 -8.70 12.45 0.79
C SER E 39 -10.07 11.96 1.23
N ILE E 40 -10.99 11.89 0.29
CA ILE E 40 -12.28 11.22 0.50
C ILE E 40 -12.12 9.77 0.08
N LEU E 41 -11.84 8.91 1.05
CA LEU E 41 -11.51 7.52 0.76
C LEU E 41 -12.76 6.71 0.40
N ALA E 42 -13.91 7.13 0.94
CA ALA E 42 -15.17 6.46 0.63
C ALA E 42 -16.35 7.42 0.71
N HIS E 43 -17.20 7.38 -0.29
CA HIS E 43 -18.46 8.07 -0.20
C HIS E 43 -19.51 7.04 -0.24
N GLY E 44 -20.33 6.97 0.80
CA GLY E 44 -21.41 6.01 0.90
C GLY E 44 -22.78 6.64 1.12
N TRP E 45 -23.77 6.14 0.42
CA TRP E 45 -25.14 6.58 0.59
C TRP E 45 -26.06 5.39 0.86
N ASN E 46 -27.21 5.64 1.47
CA ASN E 46 -28.14 4.57 1.81
C ASN E 46 -28.84 3.99 0.59
N GLY E 47 -29.00 2.66 0.59
CA GLY E 47 -29.65 1.98 -0.51
C GLY E 47 -29.58 0.46 -0.41
N THR E 48 -30.11 -0.21 -1.42
CA THR E 48 -30.10 -1.67 -1.49
C THR E 48 -28.75 -2.19 -1.97
N PRO E 49 -28.36 -3.42 -1.56
CA PRO E 49 -27.06 -4.01 -1.92
C PRO E 49 -26.76 -4.01 -3.43
N SER E 50 -25.50 -4.24 -3.76
CA SER E 50 -25.08 -4.32 -5.15
C SER E 50 -25.67 -5.55 -5.84
N GLY E 51 -26.09 -5.39 -7.09
CA GLY E 51 -26.63 -6.48 -7.86
C GLY E 51 -28.03 -6.89 -7.40
N PHE E 52 -28.60 -6.14 -6.47
CA PHE E 52 -29.94 -6.41 -5.98
C PHE E 52 -30.95 -6.18 -7.10
N HIS E 53 -32.07 -6.87 -7.05
CA HIS E 53 -33.03 -6.83 -8.16
C HIS E 53 -33.74 -5.48 -8.29
N THR E 54 -33.93 -4.80 -7.17
CA THR E 54 -34.55 -3.47 -7.20
C THR E 54 -33.68 -2.45 -6.47
N ASN E 55 -33.66 -1.23 -6.99
CA ASN E 55 -32.92 -0.15 -6.36
C ASN E 55 -33.85 0.80 -5.61
N CYS E 56 -35.08 0.36 -5.38
CA CYS E 56 -36.03 1.10 -4.56
C CYS E 56 -35.96 0.59 -3.13
N CYS E 57 -35.78 1.52 -2.19
CA CYS E 57 -35.51 1.18 -0.81
C CYS E 57 -36.78 1.02 0.00
N GLU E 58 -37.94 1.17 -0.63
CA GLU E 58 -39.20 1.03 0.11
C GLU E 58 -39.98 -0.23 -0.11
N LEU E 59 -40.75 -0.56 0.91
CA LEU E 59 -41.79 -1.57 0.82
C LEU E 59 -43.12 -0.87 0.61
N GLU E 60 -44.17 -1.65 0.36
CA GLU E 60 -45.38 -0.84 0.46
C GLU E 60 -46.04 -1.10 1.82
N ASP E 61 -46.10 0.10 2.38
CA ASP E 61 -46.35 0.44 3.78
C ASP E 61 -45.60 1.75 4.00
N GLY E 62 -44.74 2.11 3.05
CA GLY E 62 -43.87 3.26 3.21
C GLY E 62 -42.71 2.83 4.06
N SER E 63 -42.58 1.52 4.24
CA SER E 63 -41.55 0.94 5.09
C SER E 63 -40.25 0.74 4.32
N THR E 64 -39.14 0.86 5.03
CA THR E 64 -37.83 0.65 4.42
C THR E 64 -37.53 -0.83 4.31
N ASN E 65 -37.13 -1.25 3.11
CA ASN E 65 -36.75 -2.64 2.87
C ASN E 65 -35.67 -3.07 3.85
N PRO E 66 -35.92 -4.17 4.58
CA PRO E 66 -34.96 -4.70 5.56
C PRO E 66 -33.58 -5.01 4.98
N PHE E 67 -33.48 -5.04 3.65
CA PHE E 67 -32.23 -5.36 2.98
C PHE E 67 -31.35 -4.15 2.69
N VAL E 68 -31.92 -2.94 2.81
CA VAL E 68 -31.15 -1.74 2.51
C VAL E 68 -30.05 -1.51 3.53
N LEU E 69 -28.96 -0.89 3.08
CA LEU E 69 -27.84 -0.60 3.95
C LEU E 69 -27.79 0.88 4.27
N HIS E 70 -27.37 1.22 5.48
CA HIS E 70 -27.24 2.62 5.88
C HIS E 70 -26.08 3.27 5.13
N ALA E 71 -26.05 4.60 5.15
CA ALA E 71 -24.96 5.34 4.52
C ALA E 71 -23.65 5.07 5.24
N GLU E 72 -23.75 4.75 6.54
CA GLU E 72 -22.58 4.41 7.33
C GLU E 72 -22.08 3.00 7.03
N GLN E 73 -23.02 2.07 6.90
CA GLN E 73 -22.69 0.68 6.58
C GLN E 73 -21.94 0.57 5.26
N ASN E 74 -22.42 1.29 4.25
CA ASN E 74 -21.79 1.31 2.94
C ASN E 74 -20.38 1.91 2.98
N ALA E 75 -20.26 3.07 3.61
CA ALA E 75 -18.98 3.74 3.72
C ALA E 75 -17.97 2.87 4.49
N LEU E 76 -18.46 2.18 5.51
CA LEU E 76 -17.63 1.28 6.29
C LEU E 76 -17.18 0.08 5.45
N VAL E 77 -18.11 -0.45 4.66
CA VAL E 77 -17.86 -1.64 3.86
C VAL E 77 -16.90 -1.36 2.72
N LYS E 78 -17.02 -0.19 2.11
CA LYS E 78 -16.13 0.23 1.04
C LYS E 78 -14.70 0.37 1.54
N MET E 79 -14.56 0.75 2.81
CA MET E 79 -13.26 0.85 3.44
C MET E 79 -12.67 -0.54 3.67
N ALA E 80 -13.55 -1.53 3.79
CA ALA E 80 -13.10 -2.91 3.81
C ALA E 80 -12.79 -3.36 2.39
N LYS E 81 -13.64 -2.92 1.46
CA LYS E 81 -13.53 -3.29 0.05
C LYS E 81 -12.23 -2.82 -0.60
N SER E 82 -11.77 -1.63 -0.22
CA SER E 82 -10.58 -1.05 -0.83
C SER E 82 -9.36 -1.21 0.07
N SER E 83 -8.21 -0.81 -0.44
CA SER E 83 -7.02 -0.67 0.40
C SER E 83 -7.16 0.62 1.20
N GLU E 84 -6.06 1.05 1.83
CA GLU E 84 -5.94 2.18 2.77
C GLU E 84 -6.92 2.06 3.93
N SER E 85 -6.59 2.76 5.00
CA SER E 85 -7.22 2.51 6.29
C SER E 85 -8.23 3.57 6.72
N ILE E 86 -9.33 3.11 7.31
CA ILE E 86 -10.34 4.00 7.89
C ILE E 86 -9.87 4.51 9.24
N ASP E 87 -8.81 3.87 9.75
CA ASP E 87 -8.28 4.19 11.07
C ASP E 87 -7.74 5.62 11.14
N GLY E 88 -8.08 6.32 12.21
CA GLY E 88 -7.62 7.67 12.42
C GLY E 88 -8.20 8.69 11.45
N SER E 89 -9.34 8.34 10.86
CA SER E 89 -10.00 9.23 9.90
C SER E 89 -11.21 9.89 10.53
N GLU E 90 -11.81 10.83 9.80
CA GLU E 90 -12.99 11.54 10.29
C GLU E 90 -14.19 11.30 9.38
N LEU E 91 -15.38 11.28 9.96
CA LEU E 91 -16.58 10.92 9.25
C LEU E 91 -17.55 12.08 9.12
N PHE E 92 -17.85 12.47 7.88
CA PHE E 92 -18.83 13.51 7.60
C PHE E 92 -20.16 12.89 7.16
N CYS E 93 -21.15 12.96 8.04
CA CYS E 93 -22.48 12.43 7.73
C CYS E 93 -23.49 13.56 7.60
N THR E 94 -24.49 13.36 6.74
CA THR E 94 -25.57 14.33 6.62
C THR E 94 -26.48 14.24 7.83
N HIS E 95 -26.75 13.01 8.26
CA HIS E 95 -27.57 12.76 9.43
C HIS E 95 -26.78 12.04 10.50
N SER E 96 -27.14 12.29 11.76
CA SER E 96 -26.50 11.62 12.89
C SER E 96 -26.70 10.11 12.79
N PRO E 97 -25.62 9.34 13.00
CA PRO E 97 -25.68 7.89 12.79
C PRO E 97 -26.44 7.15 13.89
N CYS E 98 -26.87 5.93 13.57
CA CYS E 98 -27.65 5.11 14.49
C CYS E 98 -26.74 4.42 15.50
N PRO E 99 -27.32 3.88 16.59
CA PRO E 99 -26.54 3.10 17.57
C PRO E 99 -25.71 1.98 16.95
N ASP E 100 -26.29 1.21 16.04
CA ASP E 100 -25.62 0.06 15.44
C ASP E 100 -24.34 0.45 14.72
N CYS E 101 -24.45 1.39 13.79
CA CYS E 101 -23.31 1.85 13.01
C CYS E 101 -22.28 2.56 13.87
N SER E 102 -22.75 3.26 14.90
CA SER E 102 -21.88 4.01 15.79
C SER E 102 -20.98 3.09 16.61
N LYS E 103 -21.40 1.83 16.75
CA LYS E 103 -20.58 0.82 17.41
C LYS E 103 -19.40 0.44 16.54
N MET E 104 -19.67 0.20 15.26
CA MET E 104 -18.65 -0.21 14.31
C MET E 104 -17.73 0.95 13.95
N ILE E 105 -18.28 2.16 13.96
CA ILE E 105 -17.49 3.36 13.69
C ILE E 105 -16.40 3.54 14.74
N ALA E 106 -16.78 3.40 16.01
CA ALA E 106 -15.85 3.52 17.12
C ALA E 106 -14.79 2.41 17.10
N GLN E 107 -15.23 1.21 16.76
CA GLN E 107 -14.34 0.06 16.68
C GLN E 107 -13.35 0.23 15.54
N ALA E 108 -13.75 0.99 14.53
CA ALA E 108 -12.91 1.22 13.35
C ALA E 108 -11.88 2.31 13.60
N GLY E 109 -11.90 2.89 14.80
CA GLY E 109 -10.92 3.90 15.17
C GLY E 109 -11.13 5.23 14.48
N VAL E 110 -12.38 5.60 14.26
CA VAL E 110 -12.70 6.90 13.70
C VAL E 110 -12.60 7.96 14.79
N LYS E 111 -11.79 8.99 14.53
CA LYS E 111 -11.53 10.03 15.52
C LYS E 111 -12.76 10.88 15.82
N LYS E 112 -13.43 11.35 14.77
CA LYS E 112 -14.51 12.32 14.95
C LYS E 112 -15.62 12.11 13.92
N VAL E 113 -16.85 12.40 14.33
CA VAL E 113 -17.99 12.33 13.43
C VAL E 113 -18.64 13.70 13.23
N TYR E 114 -18.69 14.14 11.98
CA TYR E 114 -19.33 15.40 11.63
C TYR E 114 -20.71 15.16 11.05
N TYR E 115 -21.74 15.73 11.68
CA TYR E 115 -23.10 15.58 11.17
C TYR E 115 -23.83 16.91 11.13
N ARG E 116 -24.63 17.10 10.08
CA ARG E 116 -25.42 18.30 9.91
C ARG E 116 -26.77 18.18 10.61
N ASN E 117 -27.62 17.30 10.09
CA ASN E 117 -28.91 17.05 10.70
C ASN E 117 -28.80 16.00 11.80
N GLU E 118 -29.57 16.19 12.88
CA GLU E 118 -29.76 15.32 14.02
C GLU E 118 -30.97 14.43 13.74
N TYR E 119 -30.90 13.10 13.78
CA TYR E 119 -32.04 12.25 13.46
C TYR E 119 -33.14 12.33 14.51
N ARG E 120 -34.24 11.61 14.29
CA ARG E 120 -35.35 11.52 15.24
C ARG E 120 -34.83 11.22 16.64
N ILE E 121 -34.28 10.00 16.78
CA ILE E 121 -33.66 9.59 18.03
C ILE E 121 -32.16 9.84 17.97
N THR E 122 -31.60 10.30 19.08
CA THR E 122 -30.19 10.65 19.15
C THR E 122 -29.47 9.83 20.21
N ASP E 123 -29.33 8.53 19.96
CA ASP E 123 -28.60 7.65 20.88
C ASP E 123 -27.21 7.35 20.34
N GLY E 124 -27.09 7.34 19.01
CA GLY E 124 -25.82 7.09 18.36
C GLY E 124 -24.80 8.17 18.70
N ILE E 125 -25.26 9.42 18.75
CA ILE E 125 -24.43 10.54 19.13
C ILE E 125 -23.83 10.31 20.51
N ASP E 126 -24.68 9.88 21.44
CA ASP E 126 -24.27 9.64 22.82
C ASP E 126 -23.59 8.28 22.99
N VAL E 127 -23.74 7.41 21.99
CA VAL E 127 -22.99 6.16 21.96
C VAL E 127 -21.56 6.44 21.49
N LEU E 128 -21.46 7.35 20.52
CA LEU E 128 -20.17 7.73 19.94
C LEU E 128 -19.19 8.27 20.98
N GLN E 129 -19.57 9.38 21.62
CA GLN E 129 -18.70 10.01 22.62
C GLN E 129 -18.57 9.17 23.87
N GLN E 130 -19.43 8.17 24.00
CA GLN E 130 -19.24 7.29 25.15
C GLN E 130 -18.19 6.24 24.82
N LEU E 131 -18.00 5.89 23.55
CA LEU E 131 -16.95 4.97 23.15
C LEU E 131 -15.67 5.72 22.77
N GLY E 132 -15.72 7.05 22.88
CA GLY E 132 -14.51 7.86 22.71
C GLY E 132 -14.44 8.72 21.48
N VAL E 133 -15.38 8.54 20.56
CA VAL E 133 -15.38 9.30 19.32
C VAL E 133 -15.93 10.71 19.51
N GLU E 134 -15.16 11.72 19.09
CA GLU E 134 -15.61 13.10 19.20
C GLU E 134 -16.76 13.36 18.22
N VAL E 135 -17.64 14.29 18.57
CA VAL E 135 -18.85 14.54 17.79
C VAL E 135 -19.14 16.02 17.64
N GLU E 136 -19.26 16.48 16.40
CA GLU E 136 -19.60 17.88 16.13
C GLU E 136 -20.82 18.01 15.22
N LYS E 137 -21.68 18.97 15.56
CA LYS E 137 -22.85 19.27 14.74
C LYS E 137 -22.63 20.56 13.96
N MET E 138 -22.97 20.55 12.67
CA MET E 138 -22.78 21.72 11.83
C MET E 138 -23.91 21.87 10.81
N MET F 4 -6.84 -24.24 -2.44
CA MET F 4 -8.12 -24.53 -1.85
C MET F 4 -8.15 -25.96 -1.62
N LYS F 5 -7.09 -26.44 -1.00
CA LYS F 5 -6.89 -27.83 -0.74
C LYS F 5 -7.56 -28.16 0.55
N PRO F 6 -8.24 -29.27 0.56
CA PRO F 6 -8.98 -29.66 1.77
C PRO F 6 -8.15 -29.64 3.04
N GLU F 7 -6.84 -29.85 2.93
CA GLU F 7 -5.96 -29.78 4.09
C GLU F 7 -5.75 -28.33 4.50
N ILE F 8 -5.63 -27.46 3.50
CA ILE F 8 -5.44 -26.04 3.73
C ILE F 8 -6.68 -25.40 4.35
N LYS F 9 -7.85 -25.78 3.84
CA LYS F 9 -9.11 -25.18 4.31
C LYS F 9 -9.43 -25.60 5.73
N GLU F 10 -9.03 -26.82 6.11
CA GLU F 10 -9.22 -27.30 7.46
C GLU F 10 -8.40 -26.48 8.46
N ALA F 11 -7.17 -26.17 8.07
CA ALA F 11 -6.28 -25.37 8.89
C ALA F 11 -6.85 -23.98 9.14
N TYR F 12 -7.55 -23.45 8.13
CA TYR F 12 -8.19 -22.15 8.25
C TYR F 12 -9.40 -22.20 9.19
N MET F 13 -10.26 -23.20 8.99
CA MET F 13 -11.44 -23.34 9.83
C MET F 13 -11.05 -23.62 11.28
N LYS F 14 -9.93 -24.31 11.45
CA LYS F 14 -9.40 -24.57 12.78
C LYS F 14 -8.78 -23.31 13.37
N THR F 15 -8.40 -22.38 12.51
CA THR F 15 -7.85 -21.11 12.96
C THR F 15 -8.97 -20.21 13.48
N ALA F 16 -10.12 -20.28 12.81
CA ALA F 16 -11.30 -19.53 13.24
C ALA F 16 -11.77 -20.03 14.60
N GLU F 17 -11.80 -21.35 14.75
CA GLU F 17 -12.17 -21.99 16.00
C GLU F 17 -11.23 -21.60 17.13
N LEU F 18 -9.97 -21.41 16.77
CA LEU F 18 -8.98 -21.18 17.80
C LEU F 18 -9.00 -19.73 18.25
N PHE F 19 -9.32 -18.79 17.35
CA PHE F 19 -9.48 -17.40 17.72
C PHE F 19 -10.84 -17.14 18.34
N SER F 20 -11.78 -18.05 18.14
CA SER F 20 -13.10 -17.95 18.74
C SER F 20 -12.99 -18.21 20.23
N GLN F 21 -11.95 -18.92 20.63
CA GLN F 21 -11.73 -19.27 22.03
C GLN F 21 -11.11 -18.12 22.82
N VAL F 22 -11.00 -16.96 22.18
CA VAL F 22 -10.52 -15.75 22.84
C VAL F 22 -11.73 -14.91 23.26
N SER F 23 -12.82 -15.09 22.52
CA SER F 23 -14.06 -14.31 22.65
C SER F 23 -14.42 -13.77 24.03
N ASN F 24 -14.10 -14.53 25.07
CA ASN F 24 -14.36 -14.18 26.47
C ASN F 24 -15.85 -14.22 26.83
N CYS F 25 -16.72 -14.41 25.84
CA CYS F 25 -18.15 -14.55 26.10
CA CYS F 25 -18.15 -14.54 26.11
C CYS F 25 -18.45 -15.94 26.61
N LYS F 26 -19.57 -16.08 27.32
CA LYS F 26 -19.94 -17.38 27.89
C LYS F 26 -21.21 -17.94 27.24
N ARG F 27 -22.02 -17.06 26.66
CA ARG F 27 -23.19 -17.48 25.90
C ARG F 27 -22.77 -18.35 24.73
N MET F 28 -21.97 -17.78 23.86
CA MET F 28 -21.49 -18.46 22.66
C MET F 28 -20.19 -17.83 22.19
N LYS F 29 -19.20 -18.66 21.90
CA LYS F 29 -17.91 -18.16 21.42
C LYS F 29 -17.84 -18.28 19.91
N VAL F 30 -17.77 -17.13 19.24
CA VAL F 30 -17.79 -17.08 17.78
C VAL F 30 -16.52 -16.46 17.21
N GLY F 31 -16.02 -17.06 16.13
CA GLY F 31 -14.83 -16.54 15.46
C GLY F 31 -15.05 -16.39 13.97
N ALA F 32 -14.29 -15.48 13.36
CA ALA F 32 -14.41 -15.24 11.92
C ALA F 32 -13.13 -14.64 11.35
N ILE F 33 -12.52 -15.34 10.41
CA ILE F 33 -11.27 -14.87 9.80
C ILE F 33 -11.46 -14.55 8.32
N VAL F 34 -10.68 -13.59 7.83
CA VAL F 34 -10.69 -13.22 6.42
C VAL F 34 -9.45 -13.75 5.72
N VAL F 35 -9.66 -14.57 4.69
CA VAL F 35 -8.56 -15.22 3.99
C VAL F 35 -8.47 -14.78 2.54
N LYS F 36 -7.29 -14.35 2.12
CA LYS F 36 -7.07 -13.88 0.76
C LYS F 36 -5.60 -13.97 0.35
N ASN F 37 -5.35 -14.57 -0.81
CA ASN F 37 -4.00 -14.72 -1.34
C ASN F 37 -3.02 -15.36 -0.36
N GLY F 38 -3.45 -16.45 0.27
CA GLY F 38 -2.60 -17.17 1.21
C GLY F 38 -2.25 -16.37 2.45
N SER F 39 -3.15 -15.47 2.83
CA SER F 39 -2.91 -14.63 4.00
C SER F 39 -4.18 -14.43 4.81
N ILE F 40 -4.05 -14.50 6.13
CA ILE F 40 -5.18 -14.24 7.02
C ILE F 40 -5.19 -12.75 7.38
N LEU F 41 -6.07 -12.00 6.73
CA LEU F 41 -6.01 -10.55 6.81
C LEU F 41 -6.64 -9.99 8.07
N ALA F 42 -7.56 -10.75 8.67
CA ALA F 42 -8.25 -10.29 9.86
C ALA F 42 -8.83 -11.48 10.59
N HIS F 43 -8.75 -11.46 11.88
CA HIS F 43 -9.42 -12.44 12.66
C HIS F 43 -10.25 -11.67 13.60
N GLY F 44 -11.51 -11.97 13.63
CA GLY F 44 -12.45 -11.36 14.56
C GLY F 44 -13.16 -12.37 15.44
N TRP F 45 -13.54 -11.93 16.64
CA TRP F 45 -14.34 -12.73 17.54
C TRP F 45 -15.31 -11.82 18.28
N ASN F 46 -16.35 -12.39 18.86
CA ASN F 46 -17.36 -11.59 19.54
C ASN F 46 -16.91 -11.09 20.91
N GLY F 47 -17.14 -9.80 21.15
CA GLY F 47 -16.80 -9.17 22.41
C GLY F 47 -17.23 -7.72 22.42
N THR F 48 -16.94 -7.04 23.53
CA THR F 48 -17.28 -5.63 23.67
C THR F 48 -16.31 -4.77 22.85
N PRO F 49 -16.69 -3.52 22.55
CA PRO F 49 -15.79 -2.62 21.82
C PRO F 49 -14.43 -2.46 22.49
N SER F 50 -13.45 -1.98 21.72
CA SER F 50 -12.10 -1.77 22.24
C SER F 50 -12.08 -0.67 23.30
N GLY F 51 -11.37 -0.92 24.39
CA GLY F 51 -11.27 0.05 25.47
C GLY F 51 -12.57 0.25 26.22
N PHE F 52 -13.46 -0.73 26.12
CA PHE F 52 -14.73 -0.69 26.84
C PHE F 52 -14.45 -0.94 28.31
N HIS F 53 -15.35 -0.49 29.18
CA HIS F 53 -15.11 -0.59 30.62
C HIS F 53 -15.19 -2.03 31.12
N THR F 54 -15.62 -2.94 30.26
CA THR F 54 -15.70 -4.35 30.60
C THR F 54 -15.56 -5.25 29.38
N ASN F 55 -14.97 -6.42 29.58
CA ASN F 55 -14.87 -7.42 28.51
C ASN F 55 -15.86 -8.56 28.72
N CYS F 56 -16.77 -8.35 29.67
CA CYS F 56 -17.87 -9.29 29.88
C CYS F 56 -18.97 -9.01 28.88
N CYS F 57 -19.40 -10.04 28.17
CA CYS F 57 -20.38 -9.87 27.10
C CYS F 57 -21.82 -9.99 27.60
N GLU F 58 -21.98 -10.41 28.85
CA GLU F 58 -23.31 -10.70 29.38
C GLU F 58 -23.81 -9.62 30.34
N LEU F 59 -25.13 -9.47 30.38
CA LEU F 59 -25.78 -8.57 31.32
C LEU F 59 -26.10 -9.35 32.60
N GLU F 60 -26.79 -8.70 33.53
CA GLU F 60 -27.04 -9.32 34.84
C GLU F 60 -28.04 -10.47 34.76
N ASP F 61 -28.93 -10.44 33.76
CA ASP F 61 -29.85 -11.55 33.55
C ASP F 61 -29.20 -12.59 32.66
N GLY F 62 -27.91 -12.42 32.39
CA GLY F 62 -27.16 -13.36 31.59
C GLY F 62 -27.45 -13.24 30.11
N SER F 63 -28.09 -12.14 29.72
CA SER F 63 -28.34 -11.88 28.30
C SER F 63 -27.22 -11.00 27.74
N THR F 64 -27.05 -11.03 26.42
CA THR F 64 -25.94 -10.38 25.77
C THR F 64 -26.01 -8.86 25.87
N ASN F 65 -24.92 -8.26 26.35
CA ASN F 65 -24.75 -6.81 26.34
C ASN F 65 -24.93 -6.28 24.92
N PRO F 66 -25.88 -5.35 24.73
CA PRO F 66 -26.16 -4.82 23.38
C PRO F 66 -24.96 -4.12 22.75
N PHE F 67 -23.94 -3.83 23.55
CA PHE F 67 -22.76 -3.14 23.07
C PHE F 67 -21.80 -4.05 22.30
N VAL F 68 -21.88 -5.36 22.53
CA VAL F 68 -20.90 -6.28 21.95
C VAL F 68 -21.01 -6.33 20.43
N LEU F 69 -19.91 -6.67 19.79
CA LEU F 69 -19.86 -6.81 18.34
C LEU F 69 -19.77 -8.28 17.97
N HIS F 70 -20.43 -8.65 16.88
CA HIS F 70 -20.35 -10.03 16.39
C HIS F 70 -18.95 -10.32 15.86
N ALA F 71 -18.71 -11.60 15.54
CA ALA F 71 -17.42 -12.00 14.97
C ALA F 71 -17.23 -11.40 13.60
N GLU F 72 -18.28 -11.47 12.78
CA GLU F 72 -18.23 -10.96 11.42
C GLU F 72 -18.11 -9.44 11.42
N GLN F 73 -18.75 -8.80 12.39
CA GLN F 73 -18.66 -7.35 12.55
C GLN F 73 -17.20 -6.94 12.79
N ASN F 74 -16.58 -7.56 13.78
CA ASN F 74 -15.20 -7.25 14.14
C ASN F 74 -14.22 -7.53 13.00
N ALA F 75 -14.48 -8.59 12.25
CA ALA F 75 -13.61 -8.97 11.14
C ALA F 75 -13.64 -7.92 10.03
N LEU F 76 -14.84 -7.50 9.64
CA LEU F 76 -15.00 -6.52 8.57
C LEU F 76 -14.56 -5.12 9.01
N VAL F 77 -14.83 -4.77 10.26
CA VAL F 77 -14.36 -3.51 10.82
C VAL F 77 -12.84 -3.47 10.83
N LYS F 78 -12.23 -4.59 11.21
CA LYS F 78 -10.78 -4.70 11.22
C LYS F 78 -10.21 -4.55 9.81
N MET F 79 -10.90 -5.12 8.83
CA MET F 79 -10.49 -4.99 7.43
C MET F 79 -10.49 -3.54 7.00
N ALA F 80 -11.46 -2.78 7.49
CA ALA F 80 -11.53 -1.35 7.20
C ALA F 80 -10.36 -0.62 7.85
N LYS F 81 -9.87 -1.17 8.96
CA LYS F 81 -8.73 -0.59 9.66
C LYS F 81 -7.41 -1.02 9.04
N SER F 82 -7.43 -2.13 8.32
CA SER F 82 -6.21 -2.63 7.68
C SER F 82 -5.96 -1.91 6.36
N SER F 83 -4.90 -2.32 5.65
CA SER F 83 -4.54 -1.67 4.41
C SER F 83 -4.68 -2.59 3.19
N GLU F 84 -5.19 -3.80 3.41
CA GLU F 84 -5.51 -4.67 2.30
C GLU F 84 -7.01 -4.76 2.09
N SER F 85 -7.41 -5.17 0.89
CA SER F 85 -8.81 -5.22 0.51
C SER F 85 -9.46 -6.52 0.98
N ILE F 86 -10.74 -6.44 1.29
CA ILE F 86 -11.48 -7.63 1.69
C ILE F 86 -12.17 -8.23 0.46
N ASP F 87 -12.22 -7.44 -0.60
CA ASP F 87 -12.93 -7.83 -1.82
C ASP F 87 -12.27 -9.01 -2.51
N GLY F 88 -13.06 -10.05 -2.79
CA GLY F 88 -12.57 -11.23 -3.46
C GLY F 88 -11.97 -12.24 -2.51
N SER F 89 -12.07 -11.96 -1.21
CA SER F 89 -11.53 -12.85 -0.19
C SER F 89 -12.56 -13.90 0.22
N GLU F 90 -12.14 -14.81 1.10
CA GLU F 90 -13.04 -15.82 1.63
C GLU F 90 -13.14 -15.66 3.15
N LEU F 91 -14.18 -16.25 3.74
CA LEU F 91 -14.48 -16.04 5.14
C LEU F 91 -14.79 -17.33 5.88
N PHE F 92 -13.97 -17.65 6.87
CA PHE F 92 -14.15 -18.88 7.65
C PHE F 92 -14.77 -18.57 9.00
N CYS F 93 -16.06 -18.88 9.14
CA CYS F 93 -16.77 -18.65 10.40
C CYS F 93 -16.91 -19.95 11.19
N THR F 94 -16.93 -19.83 12.51
CA THR F 94 -17.20 -20.97 13.37
C THR F 94 -18.70 -21.24 13.38
N HIS F 95 -19.46 -20.18 13.16
CA HIS F 95 -20.92 -20.26 13.12
C HIS F 95 -21.49 -19.53 11.93
N SER F 96 -22.61 -20.01 11.40
CA SER F 96 -23.31 -19.32 10.32
C SER F 96 -23.67 -17.90 10.77
N PRO F 97 -23.33 -16.90 9.94
CA PRO F 97 -23.38 -15.48 10.31
C PRO F 97 -24.78 -14.89 10.50
N CYS F 98 -24.84 -13.75 11.18
CA CYS F 98 -26.12 -13.10 11.41
C CYS F 98 -26.60 -12.34 10.16
N PRO F 99 -27.91 -12.34 9.96
CA PRO F 99 -28.53 -11.77 8.75
C PRO F 99 -28.04 -10.36 8.49
N ASP F 100 -27.89 -9.58 9.54
CA ASP F 100 -27.39 -8.21 9.43
C ASP F 100 -25.95 -8.21 8.94
N CYS F 101 -25.18 -9.14 9.48
CA CYS F 101 -23.77 -9.27 9.10
C CYS F 101 -23.65 -9.76 7.66
N SER F 102 -24.46 -10.72 7.31
CA SER F 102 -24.47 -11.29 5.97
C SER F 102 -24.71 -10.23 4.90
N LYS F 103 -25.49 -9.23 5.27
CA LYS F 103 -25.78 -8.10 4.39
C LYS F 103 -24.51 -7.36 4.01
N MET F 104 -23.67 -7.06 5.01
CA MET F 104 -22.43 -6.32 4.77
C MET F 104 -21.36 -7.20 4.14
N ILE F 105 -21.35 -8.48 4.49
CA ILE F 105 -20.39 -9.44 3.95
C ILE F 105 -20.52 -9.53 2.43
N ALA F 106 -21.76 -9.59 1.96
CA ALA F 106 -22.03 -9.64 0.53
C ALA F 106 -21.66 -8.32 -0.13
N GLN F 107 -22.03 -7.21 0.51
CA GLN F 107 -21.73 -5.87 0.00
C GLN F 107 -20.22 -5.63 0.02
N ALA F 108 -19.50 -6.43 0.80
CA ALA F 108 -18.05 -6.31 0.88
C ALA F 108 -17.37 -7.07 -0.25
N GLY F 109 -18.15 -7.84 -0.99
CA GLY F 109 -17.63 -8.57 -2.13
C GLY F 109 -16.91 -9.85 -1.75
N VAL F 110 -17.26 -10.39 -0.58
CA VAL F 110 -16.74 -11.70 -0.18
C VAL F 110 -17.34 -12.76 -1.10
N LYS F 111 -16.48 -13.56 -1.70
CA LYS F 111 -16.90 -14.54 -2.69
C LYS F 111 -17.54 -15.78 -2.06
N LYS F 112 -16.99 -16.23 -0.93
CA LYS F 112 -17.46 -17.47 -0.33
C LYS F 112 -17.30 -17.47 1.19
N VAL F 113 -18.32 -17.99 1.88
CA VAL F 113 -18.31 -18.06 3.33
C VAL F 113 -18.31 -19.51 3.83
N TYR F 114 -17.29 -19.87 4.59
CA TYR F 114 -17.21 -21.20 5.19
C TYR F 114 -17.63 -21.16 6.65
N TYR F 115 -18.60 -22.00 7.02
CA TYR F 115 -19.01 -22.10 8.41
C TYR F 115 -19.06 -23.56 8.84
N ARG F 116 -18.68 -23.83 10.08
CA ARG F 116 -18.72 -25.19 10.60
C ARG F 116 -20.04 -25.50 11.28
N ASN F 117 -20.35 -24.76 12.35
CA ASN F 117 -21.61 -24.95 13.04
C ASN F 117 -22.71 -24.05 12.49
N GLU F 118 -23.94 -24.53 12.56
CA GLU F 118 -25.21 -23.95 12.16
C GLU F 118 -25.80 -23.22 13.34
N TYR F 119 -26.00 -21.90 13.39
CA TYR F 119 -26.67 -21.28 14.52
C TYR F 119 -28.14 -21.67 14.57
N ARG F 120 -28.69 -21.66 15.78
CA ARG F 120 -30.14 -21.75 16.01
C ARG F 120 -30.96 -21.28 14.80
N ILE F 121 -31.03 -19.97 14.62
CA ILE F 121 -31.64 -19.30 13.46
C ILE F 121 -30.72 -19.44 12.25
N THR F 122 -31.28 -19.58 11.05
CA THR F 122 -30.48 -19.88 9.88
C THR F 122 -30.75 -18.95 8.69
N ASP F 123 -31.42 -17.84 8.95
CA ASP F 123 -31.74 -16.87 7.91
C ASP F 123 -30.48 -16.17 7.39
N GLY F 124 -29.38 -16.29 8.12
CA GLY F 124 -28.11 -15.69 7.72
C GLY F 124 -27.55 -16.33 6.46
N ILE F 125 -27.50 -17.67 6.46
CA ILE F 125 -27.17 -18.42 5.26
C ILE F 125 -28.10 -18.01 4.13
N ASP F 126 -29.38 -17.95 4.45
CA ASP F 126 -30.31 -17.64 3.37
C ASP F 126 -30.03 -16.24 2.84
N VAL F 127 -29.68 -15.24 3.65
CA VAL F 127 -29.36 -13.92 3.13
C VAL F 127 -28.09 -13.91 2.25
N LEU F 128 -27.05 -14.62 2.67
CA LEU F 128 -25.81 -14.69 1.89
C LEU F 128 -26.04 -15.23 0.48
N GLN F 129 -26.94 -16.21 0.37
CA GLN F 129 -27.19 -16.85 -0.91
C GLN F 129 -27.98 -15.96 -1.88
N GLN F 130 -28.97 -15.23 -1.37
CA GLN F 130 -29.75 -14.26 -2.14
C GLN F 130 -28.86 -13.16 -2.70
N LEU F 131 -27.83 -12.81 -1.93
CA LEU F 131 -26.97 -11.68 -2.27
C LEU F 131 -25.73 -12.10 -3.07
N GLY F 132 -25.71 -13.34 -3.54
CA GLY F 132 -24.66 -13.82 -4.41
C GLY F 132 -23.35 -14.14 -3.72
N VAL F 133 -23.41 -14.93 -2.66
CA VAL F 133 -22.22 -15.41 -1.97
C VAL F 133 -22.32 -16.91 -1.75
N GLU F 134 -21.37 -17.67 -2.28
CA GLU F 134 -21.44 -19.13 -2.17
C GLU F 134 -21.18 -19.56 -0.73
N VAL F 135 -21.83 -20.66 -0.34
CA VAL F 135 -21.79 -21.15 1.03
C VAL F 135 -21.29 -22.60 1.07
N GLU F 136 -20.43 -22.91 2.04
CA GLU F 136 -19.96 -24.28 2.23
C GLU F 136 -19.92 -24.64 3.71
N LYS F 137 -20.60 -25.72 4.07
CA LYS F 137 -20.57 -26.24 5.43
C LYS F 137 -19.54 -27.36 5.55
N MET F 138 -18.68 -27.26 6.56
CA MET F 138 -17.63 -28.25 6.76
C MET F 138 -17.46 -28.60 8.23
ZN ZN G . 12.00 21.54 -14.64
MG MG H . 8.66 6.86 -26.20
PA TTP I . 10.34 6.01 -23.27
O1A TTP I . 9.62 4.88 -22.50
O2A TTP I . 11.45 4.90 -23.37
O3A TTP I . 9.14 6.02 -24.30
PB TTP I . 8.09 4.88 -24.53
O1B TTP I . 7.20 4.66 -23.28
O2B TTP I . 7.18 5.34 -25.70
O3B TTP I . 8.83 3.60 -24.97
PG TTP I . 9.37 3.55 -26.43
O1G TTP I . 10.57 2.63 -26.50
O2G TTP I . 8.31 3.07 -27.39
O3G TTP I . 9.79 4.95 -26.82
O5' TTP I . 10.11 6.81 -21.93
C5' TTP I . 8.96 7.61 -21.88
C4' TTP I . 9.17 8.77 -20.95
O4' TTP I . 9.08 8.35 -19.62
C3' TTP I . 10.49 9.41 -21.17
O3' TTP I . 10.34 10.77 -21.26
C2' TTP I . 11.29 9.06 -19.99
C1' TTP I . 10.26 8.72 -18.97
N1 TTP I . 10.70 7.69 -18.10
C2 TTP I . 11.37 8.06 -16.88
O2 TTP I . 11.56 9.22 -16.58
N3 TTP I . 11.77 6.99 -16.05
C4 TTP I . 11.55 5.63 -16.37
O4 TTP I . 11.93 4.74 -15.62
C5 TTP I . 10.87 5.30 -17.65
C5M TTP I . 10.62 3.87 -18.02
C6 TTP I . 10.45 6.32 -18.49
P TMP J . 16.02 23.78 -22.90
O1P TMP J . 15.72 23.46 -24.31
O2P TMP J . 14.85 24.25 -22.12
O3P TMP J . 17.26 24.54 -22.66
O5' TMP J . 16.30 22.37 -22.25
C5' TMP J . 16.91 21.33 -23.03
C4' TMP J . 16.66 19.93 -22.45
O4' TMP J . 16.89 19.96 -21.01
C3' TMP J . 15.21 19.50 -22.60
O3' TMP J . 15.13 18.07 -22.54
C2' TMP J . 14.63 20.03 -21.33
C1' TMP J . 15.68 19.44 -20.43
N1 TMP J . 15.57 19.95 -19.04
C2 TMP J . 15.33 19.11 -18.02
O2 TMP J . 15.18 17.90 -18.23
N3 TMP J . 15.23 19.59 -16.71
C4 TMP J . 15.38 20.96 -16.45
O4 TMP J . 15.30 21.39 -15.30
C5 TMP J . 15.63 21.82 -17.51
C5M TMP J . 15.80 23.18 -17.28
C6 TMP J . 15.73 21.32 -18.80
CL CL K . 1.97 7.58 -4.51
ZN ZN L . 23.99 -15.71 -1.96
MG MG M . 26.26 -1.26 9.21
P TMP N . 32.92 -15.58 0.16
O1P TMP N . 33.53 -15.19 1.44
O2P TMP N . 31.67 -16.37 0.28
O3P TMP N . 33.84 -16.07 -0.87
O5' TMP N . 32.37 -14.21 -0.43
C5' TMP N . 33.04 -12.99 -0.07
C4' TMP N . 32.12 -11.76 -0.16
O4' TMP N . 31.23 -11.90 -1.31
C3' TMP N . 31.17 -11.69 1.04
O3' TMP N . 30.67 -10.36 1.15
C2' TMP N . 30.05 -12.56 0.54
C1' TMP N . 29.88 -11.86 -0.77
N1 TMP N . 28.98 -12.59 -1.70
C2 TMP N . 27.87 -12.00 -2.18
O2 TMP N . 27.58 -10.85 -1.86
N3 TMP N . 27.03 -12.70 -3.05
C4 TMP N . 27.34 -14.02 -3.44
O4 TMP N . 26.60 -14.63 -4.19
C5 TMP N . 28.49 -14.61 -2.92
C5M TMP N . 28.82 -15.91 -3.28
C6 TMP N . 29.31 -13.90 -2.06
PA TTP O . 24.96 -0.47 7.14
O1A TTP O . 25.00 0.42 5.86
O2A TTP O . 26.49 -0.14 7.20
O3A TTP O . 23.92 0.61 7.63
PB TTP O . 23.73 0.81 9.17
O1B TTP O . 22.22 0.85 9.51
O2B TTP O . 24.44 -0.36 9.91
O3B TTP O . 24.40 2.14 9.58
PG TTP O . 25.88 2.13 10.07
O1G TTP O . 25.95 2.69 11.48
O2G TTP O . 26.40 0.72 10.06
O3G TTP O . 26.73 2.99 9.16
O5' TTP O . 24.47 -1.60 6.15
C5' TTP O . 23.75 -2.68 6.67
C4' TTP O . 23.31 -3.59 5.57
O4' TTP O . 22.25 -3.02 4.85
C3' TTP O . 24.41 -3.88 4.62
O3' TTP O . 24.68 -5.22 4.61
C2' TTP O . 23.92 -3.46 3.30
C1' TTP O . 22.46 -3.40 3.53
N1 TTP O . 21.81 -2.48 2.64
C2 TTP O . 21.49 -2.93 1.32
O2 TTP O . 21.73 -4.05 0.94
N3 TTP O . 20.84 -1.97 0.50
C4 TTP O . 20.54 -0.65 0.92
O4 TTP O . 19.99 0.13 0.16
C5 TTP O . 20.92 -0.24 2.30
C5M TTP O . 20.62 1.14 2.77
C6 TTP O . 21.54 -1.15 3.14
CL CL P . 6.61 -6.59 0.07
ZN ZN Q . 16.26 -21.68 8.58
MG MG R . 5.18 -28.48 -4.51
PA TTP S . 3.90 -26.71 -3.15
O1A TTP S . 2.68 -26.42 -2.24
O2A TTP S . 3.55 -28.20 -2.87
O3A TTP S . 3.04 -25.93 -4.23
PB TTP S . 3.03 -26.46 -5.70
O1B TTP S . 2.90 -25.27 -6.69
O2B TTP S . 4.34 -27.24 -5.96
O3B TTP S . 1.81 -27.41 -5.87
PG TTP S . 2.05 -28.95 -5.91
O1G TTP S . 3.40 -29.25 -5.31
O2G TTP S . 0.97 -29.66 -5.13
O3G TTP S . 2.03 -29.42 -7.35
O5' TTP S . 4.70 -25.89 -2.07
C5' TTP S . 5.62 -24.93 -2.49
C4' TTP S . 6.40 -24.42 -1.31
O4' TTP S . 5.86 -23.22 -0.84
C3' TTP S . 6.41 -25.41 -0.21
O3' TTP S . 7.70 -25.65 0.20
C2' TTP S . 5.65 -24.79 0.89
C1' TTP S . 5.65 -23.36 0.54
N1 TTP S . 4.44 -22.73 0.93
C2 TTP S . 4.38 -21.98 2.15
O2 TTP S . 5.35 -21.86 2.90
N3 TTP S . 3.14 -21.38 2.45
C4 TTP S . 1.99 -21.49 1.62
O4 TTP S . 0.95 -20.96 1.93
C5 TTP S . 2.11 -22.28 0.36
C5M TTP S . 0.93 -22.42 -0.55
C6 TTP S . 3.31 -22.88 0.03
P TMP T . 17.35 -30.82 9.24
O1P TMP T . 17.26 -31.73 8.09
O2P TMP T . 18.04 -29.55 8.97
O3P TMP T . 17.69 -31.44 10.53
O5' TMP T . 15.85 -30.34 9.43
C5' TMP T . 14.79 -31.20 9.02
C4' TMP T . 13.58 -30.41 8.52
O4' TMP T . 13.44 -29.21 9.33
C3' TMP T . 13.81 -29.88 7.09
O3' TMP T . 12.54 -29.60 6.48
C2' TMP T . 14.46 -28.56 7.40
C1' TMP T . 13.43 -28.10 8.40
N1 TMP T . 13.84 -26.88 9.13
C2 TMP T . 13.16 -25.73 9.04
O2 TMP T . 12.15 -25.66 8.33
N3 TMP T . 13.57 -24.60 9.75
C4 TMP T . 14.72 -24.65 10.56
O4 TMP T . 15.09 -23.67 11.18
C5 TMP T . 15.42 -25.85 10.65
C5M TMP T . 16.56 -25.94 11.44
C6 TMP T . 14.98 -26.96 9.93
ZN ZN U . -1.98 24.00 -15.27
MG MG V . -1.14 28.63 2.38
PA TTP W . -2.57 26.53 2.09
O1A TTP W . -3.86 25.72 2.34
O2A TTP W . -3.48 27.76 2.36
O3A TTP W . -2.05 25.70 3.34
PB TTP W . -1.27 26.49 4.43
O1B TTP W . -0.72 25.53 5.52
O2B TTP W . -0.12 27.27 3.75
O3B TTP W . -2.28 27.49 5.06
PG TTP W . -2.04 28.07 6.49
O1G TTP W . -0.66 28.69 6.54
O2G TTP W . -3.09 29.12 6.77
O3G TTP W . -2.14 26.98 7.52
O5' TTP W . -2.59 25.83 0.67
C5' TTP W . -1.39 25.29 0.20
C4' TTP W . -1.63 24.67 -1.15
O4' TTP W . -2.07 23.36 -1.00
C3' TTP W . -2.64 25.44 -1.90
O3' TTP W . -2.12 25.86 -3.10
C2' TTP W . -3.75 24.50 -2.15
C1' TTP W . -3.11 23.18 -1.90
N1 TTP W . -4.05 22.23 -1.40
C2 TTP W . -4.76 21.43 -2.34
O2 TTP W . -4.60 21.55 -3.54
N3 TTP W . -5.67 20.50 -1.79
C4 TTP W . -5.88 20.34 -0.40
O4 TTP W . -6.68 19.52 0.02
C5 TTP W . -5.10 21.19 0.54
C5M TTP W . -5.31 21.05 2.01
C6 TTP W . -4.20 22.12 0.03
P TMP X . -3.98 33.57 -15.19
O1P TMP X . -3.16 34.54 -14.45
O2P TMP X . -3.22 32.70 -16.12
O3P TMP X . -5.25 34.06 -15.73
O5' TMP X . -4.40 32.52 -14.07
C5' TMP X . -4.84 33.02 -12.81
C4' TMP X . -5.35 31.91 -11.89
O4' TMP X . -5.69 30.76 -12.72
C3' TMP X . -4.24 31.40 -10.97
O3' TMP X . -4.82 30.88 -9.77
C2' TMP X . -3.73 30.24 -11.77
C1' TMP X . -5.08 29.64 -12.05
N1 TMP X . -5.01 28.48 -12.96
C2 TMP X . -5.20 27.22 -12.51
O2 TMP X . -5.45 27.03 -11.32
N3 TMP X . -5.12 26.14 -13.38
C4 TMP X . -4.85 26.35 -14.74
O4 TMP X . -4.78 25.38 -15.51
C5 TMP X . -4.65 27.64 -15.20
C5M TMP X . -4.37 27.87 -16.54
C6 TMP X . -4.72 28.70 -14.31
ZN ZN Y . -26.71 3.09 10.73
MG MG Z . -28.49 -1.85 -6.96
PA TTP AA . -26.29 0.05 -6.70
O1A TTP AA . -25.68 1.43 -7.04
O2A TTP AA . -27.60 0.64 -7.32
O3A TTP AA . -25.16 -0.46 -7.68
PB TTP AA . -25.45 -1.74 -8.54
O1B TTP AA . -24.16 -2.58 -8.69
O2B TTP AA . -26.56 -2.57 -7.81
O3B TTP AA . -25.97 -1.30 -9.93
PG TTP AA . -27.50 -1.36 -10.23
O1G TTP AA . -27.81 -2.59 -11.03
O2G TTP AA . -28.26 -1.39 -8.93
O3G TTP AA . -27.91 -0.13 -11.01
O5' TTP AA . -25.90 0.42 -5.22
C5' TTP AA . -25.50 -0.61 -4.36
C4' TTP AA . -25.12 -0.06 -3.02
O4' TTP AA . -23.83 0.47 -3.06
C3' TTP AA . -26.06 1.00 -2.58
O3' TTP AA . -26.55 0.71 -1.34
C2' TTP AA . -25.24 2.23 -2.51
C1' TTP AA . -23.87 1.67 -2.36
N1 TTP AA . -22.87 2.58 -2.84
C2 TTP AA . -22.37 3.57 -1.94
O2 TTP AA . -22.76 3.68 -0.79
N3 TTP AA . -21.38 4.43 -2.48
C4 TTP AA . -20.90 4.31 -3.81
O4 TTP AA . -20.04 5.09 -4.22
C5 TTP AA . -21.46 3.26 -4.69
C5M TTP AA . -20.98 3.14 -6.10
C6 TTP AA . -22.43 2.41 -4.20
P TMP BA . -35.94 4.54 8.63
O1P TMP BA . -36.60 3.48 7.85
O2P TMP BA . -35.26 4.07 9.85
O3P TMP BA . -36.69 5.79 8.80
O5' TMP BA . -34.69 4.95 7.73
C5' TMP BA . -34.93 5.39 6.39
C4' TMP BA . -33.61 5.44 5.59
O4' TMP BA . -32.63 6.07 6.45
C3' TMP BA . -33.06 4.04 5.32
O3' TMP BA . -32.34 4.05 4.08
C2' TMP BA . -32.05 3.91 6.43
C1' TMP BA . -31.44 5.28 6.30
N1 TMP BA . -30.58 5.60 7.46
C2 TMP BA . -29.26 5.83 7.32
O2 TMP BA . -28.73 5.76 6.21
N3 TMP BA . -28.48 6.14 8.45
C4 TMP BA . -29.08 6.21 9.71
O4 TMP BA . -28.40 6.48 10.70
C5 TMP BA . -30.45 5.98 9.83
C5M TMP BA . -31.06 6.04 11.08
C6 TMP BA . -31.19 5.67 8.71
CL CL CA . -8.62 -1.66 3.95
ZN ZN DA . -24.00 -11.18 12.90
MG MG EA . -11.54 -4.86 25.92
PA TTP FA . -10.63 -5.89 23.94
O1A TTP FA . -9.58 -6.88 23.35
O2A TTP FA . -10.45 -6.77 25.22
O3A TTP FA . -9.53 -4.84 23.55
PB TTP FA . -8.98 -3.85 24.64
O1B TTP FA . -8.21 -2.70 23.96
O2B TTP FA . -10.17 -3.29 25.46
O3B TTP FA . -8.04 -4.67 25.57
PG TTP FA . -8.48 -4.95 27.05
O1G TTP FA . -7.73 -6.14 27.57
O2G TTP FA . -8.16 -3.74 27.89
O3G TTP FA . -9.96 -5.22 27.08
O5' TTP FA . -11.58 -6.42 22.78
C5' TTP FA . -11.49 -5.75 21.56
C4' TTP FA . -12.65 -6.10 20.67
O4' TTP FA . -12.24 -6.19 19.34
C3' TTP FA . -13.25 -7.40 21.05
O3' TTP FA . -14.60 -7.39 20.77
C2' TTP FA . -12.58 -8.37 20.17
C1' TTP FA . -12.24 -7.55 18.99
N1 TTP FA . -11.00 -7.94 18.41
C2 TTP FA . -11.03 -8.72 17.22
O2 TTP FA . -12.07 -9.06 16.68
N3 TTP FA . -9.76 -9.07 16.67
C4 TTP FA . -8.53 -8.69 17.27
O4 TTP FA . -7.47 -9.04 16.77
C5 TTP FA . -8.56 -7.88 18.51
C5M TTP FA . -7.28 -7.46 19.17
C6 TTP FA . -9.78 -7.51 19.07
P TMP GA . -27.00 -14.25 21.36
O1P TMP GA . -26.53 -13.22 22.31
O2P TMP GA . -27.30 -13.73 20.00
O3P TMP GA . -27.98 -15.21 21.87
O5' TMP GA . -25.71 -15.14 21.09
C5' TMP GA . -24.61 -15.14 22.00
C4' TMP GA . -23.40 -14.55 21.28
O4' TMP GA . -23.57 -14.82 19.90
C3' TMP GA . -23.43 -13.03 21.34
O3' TMP GA . -22.43 -12.59 22.27
C2' TMP GA . -23.05 -12.63 19.92
C1' TMP GA . -22.58 -13.95 19.36
N1 TMP GA . -22.77 -14.01 17.89
C2 TMP GA . -21.79 -13.63 17.04
O2 TMP GA . -20.71 -13.24 17.47
N3 TMP GA . -22.01 -13.71 15.66
C4 TMP GA . -23.24 -14.16 15.16
O4 TMP GA . -23.42 -14.23 13.95
C5 TMP GA . -24.23 -14.55 16.05
C5M TMP GA . -25.45 -15.00 15.59
C6 TMP GA . -23.99 -14.46 17.41
#